data_2YPP
#
_entry.id   2YPP
#
_cell.length_a   203.449
_cell.length_b   203.449
_cell.length_c   66.490
_cell.angle_alpha   90.00
_cell.angle_beta   90.00
_cell.angle_gamma   120.00
#
_symmetry.space_group_name_H-M   'P 32 2 1'
#
loop_
_entity.id
_entity.type
_entity.pdbx_description
1 polymer 'PHOSPHO-2-DEHYDRO-3-DEOXYHEPTONATE ALDOLASE AROG'
2 non-polymer TYROSINE
3 non-polymer 'MANGANESE (II) ION'
4 non-polymer 'SULFATE ION'
5 non-polymer GLYCEROL
6 non-polymer 'CHLORIDE ION'
7 water water
#
_entity_poly.entity_id   1
_entity_poly.type   'polypeptide(L)'
_entity_poly.pdbx_seq_one_letter_code
;MNWTVDIPIDQLPSLPPLPTDLRTRLDAALAKPAAQQPTWPADQALAMRTVLESVPPVTVPSEIVRLQEQLAQVAKGEAF
LLQGGDCAETFMDNTEPHIRGNVRALLQMAVVLTYGASMPVVKVARIAGQYAKPRSADIDALGLRSYRGDMINGFAPDAA
AREHDPSRLVRAYANASAAMNLVRALTSSGLASLHLVHDWNREFVRTSPAGARYEALATEIDRGLRFMSACGVADRNLQT
AEIYASHEALVLDYERAMLRLSDGDDGEPQLFDLSAHTVWIGERTRQIDGAHIAFAQVIANPVGVKLGPNMTPELAVEYV
ERLDPHNKPGRLTLVSRMGNHKVRDLLPPIVEKVQATGHQVIWQCDPMHGNTHESSTGFKTRHFDRIVDEVQGFFEVHRA
LGTHPGGIHVEITGENVTECLGGAQDISETDLAGRYETACDPRLNTQQSLELAFLVAEMLRD
;
_entity_poly.pdbx_strand_id   A,B
#
loop_
_chem_comp.id
_chem_comp.type
_chem_comp.name
_chem_comp.formula
CL non-polymer 'CHLORIDE ION' 'Cl -1'
GOL non-polymer GLYCEROL 'C3 H8 O3'
MN non-polymer 'MANGANESE (II) ION' 'Mn 2'
SO4 non-polymer 'SULFATE ION' 'O4 S -2'
#
# COMPACT_ATOMS: atom_id res chain seq x y z
N MET A 1 -24.84 0.48 21.81
CA MET A 1 -25.91 -0.48 21.54
C MET A 1 -25.91 -0.89 20.08
N ASN A 2 -25.07 -0.24 19.28
CA ASN A 2 -24.96 -0.54 17.84
C ASN A 2 -23.61 -1.17 17.45
N TRP A 3 -22.60 -1.09 18.33
CA TRP A 3 -21.29 -1.67 18.09
C TRP A 3 -20.68 -1.15 16.79
N THR A 4 -20.87 0.15 16.55
CA THR A 4 -20.24 0.79 15.44
C THR A 4 -19.51 2.02 15.97
N VAL A 5 -18.69 2.59 15.11
CA VAL A 5 -18.01 3.79 15.38
C VAL A 5 -18.12 4.55 14.10
N ASP A 6 -18.39 5.83 14.26
CA ASP A 6 -18.50 6.71 13.16
C ASP A 6 -17.26 7.50 12.92
N ILE A 7 -17.00 7.74 11.64
CA ILE A 7 -15.79 8.34 11.25
C ILE A 7 -16.15 9.49 10.40
N PRO A 8 -15.80 10.69 10.87
CA PRO A 8 -16.15 11.91 10.16
C PRO A 8 -15.33 12.11 8.92
N ILE A 9 -15.91 12.85 7.97
CA ILE A 9 -15.25 13.23 6.73
C ILE A 9 -15.38 14.74 6.51
N ASP A 10 -14.36 15.32 5.89
CA ASP A 10 -14.28 16.76 5.63
C ASP A 10 -14.56 17.11 4.18
N PRO A 13 -11.40 19.53 1.73
CA PRO A 13 -10.77 20.55 0.89
C PRO A 13 -9.92 20.00 -0.28
N SER A 14 -10.38 20.30 -1.51
CA SER A 14 -9.96 19.58 -2.73
C SER A 14 -8.90 20.25 -3.68
N LEU A 15 -8.50 19.46 -4.67
CA LEU A 15 -7.42 19.77 -5.60
C LEU A 15 -8.01 20.43 -6.92
N PRO A 16 -7.20 20.61 -8.01
CA PRO A 16 -7.89 21.03 -9.26
C PRO A 16 -8.98 20.02 -9.70
N PRO A 17 -10.09 20.50 -10.32
CA PRO A 17 -11.02 19.52 -10.90
C PRO A 17 -10.36 18.77 -12.09
N LEU A 18 -10.99 17.75 -12.63
CA LEU A 18 -10.51 17.23 -13.90
C LEU A 18 -10.69 18.36 -15.02
N PRO A 19 -9.89 18.35 -16.07
CA PRO A 19 -10.10 19.40 -17.16
C PRO A 19 -11.55 19.43 -17.66
N THR A 20 -12.02 20.59 -18.01
CA THR A 20 -13.36 20.79 -18.47
C THR A 20 -13.72 19.94 -19.72
N ASP A 21 -12.82 19.87 -20.70
CA ASP A 21 -13.09 19.11 -21.93
C ASP A 21 -13.26 17.61 -21.67
N LEU A 22 -12.42 17.05 -20.82
CA LEU A 22 -12.60 15.71 -20.35
C LEU A 22 -13.87 15.46 -19.48
N ARG A 23 -14.19 16.42 -18.63
CA ARG A 23 -15.41 16.36 -17.83
C ARG A 23 -16.63 16.37 -18.74
N THR A 24 -16.56 17.18 -19.80
CA THR A 24 -17.65 17.26 -20.78
C THR A 24 -17.88 15.90 -21.41
N ARG A 25 -16.82 15.20 -21.77
CA ARG A 25 -16.96 13.86 -22.37
C ARG A 25 -17.53 12.77 -21.40
N LEU A 26 -16.99 12.81 -20.21
CA LEU A 26 -17.42 11.94 -19.14
C LEU A 26 -18.89 12.21 -18.81
N ASP A 27 -19.33 13.47 -18.73
CA ASP A 27 -20.75 13.74 -18.41
C ASP A 27 -21.69 13.14 -19.45
N ALA A 28 -21.29 13.23 -20.73
CA ALA A 28 -22.04 12.67 -21.83
C ALA A 28 -22.14 11.17 -21.80
N ALA A 29 -21.04 10.49 -21.52
CA ALA A 29 -21.08 9.05 -21.41
C ALA A 29 -21.92 8.63 -20.21
N LEU A 30 -21.84 9.36 -19.13
CA LEU A 30 -22.53 8.91 -17.90
C LEU A 30 -23.95 9.34 -17.82
N ALA A 31 -24.44 10.11 -18.81
CA ALA A 31 -25.87 10.38 -18.93
C ALA A 31 -26.55 9.14 -19.54
N LYS A 32 -25.80 8.15 -20.03
CA LYS A 32 -26.41 6.90 -20.48
C LYS A 32 -26.95 6.09 -19.33
N PRO A 33 -28.02 5.33 -19.55
CA PRO A 33 -28.64 4.63 -18.45
C PRO A 33 -27.68 3.60 -17.90
N ALA A 34 -27.78 3.34 -16.62
CA ALA A 34 -26.92 2.47 -15.91
C ALA A 34 -27.74 1.49 -15.13
N ALA A 35 -27.66 0.21 -15.47
CA ALA A 35 -28.31 -0.78 -14.65
C ALA A 35 -27.59 -0.98 -13.31
N GLN A 36 -28.36 -1.50 -12.35
CA GLN A 36 -27.91 -2.07 -11.09
C GLN A 36 -27.27 -1.08 -10.18
N GLN A 37 -27.67 0.18 -10.25
CA GLN A 37 -27.07 1.20 -9.43
C GLN A 37 -27.70 1.30 -8.05
N PRO A 38 -26.92 1.66 -7.04
CA PRO A 38 -27.54 1.88 -5.72
C PRO A 38 -28.63 2.98 -5.75
N THR A 39 -29.51 3.00 -4.80
CA THR A 39 -30.59 3.96 -4.87
C THR A 39 -30.46 5.02 -3.80
N TRP A 40 -29.27 5.32 -3.30
CA TRP A 40 -29.08 6.38 -2.35
C TRP A 40 -29.29 7.75 -2.96
N PRO A 41 -29.45 8.75 -2.13
CA PRO A 41 -29.66 10.10 -2.69
C PRO A 41 -28.47 10.78 -3.35
N ALA A 42 -28.79 11.53 -4.40
CA ALA A 42 -27.83 12.20 -5.21
C ALA A 42 -26.95 13.18 -4.49
N ASP A 43 -27.49 13.92 -3.57
CA ASP A 43 -26.66 14.93 -2.91
C ASP A 43 -25.60 14.23 -1.99
N GLN A 44 -25.96 13.07 -1.41
CA GLN A 44 -25.05 12.40 -0.52
C GLN A 44 -23.98 11.66 -1.31
N ALA A 45 -24.40 10.97 -2.36
CA ALA A 45 -23.48 10.39 -3.30
C ALA A 45 -22.45 11.43 -3.81
N LEU A 46 -22.95 12.66 -4.08
CA LEU A 46 -22.07 13.69 -4.55
C LEU A 46 -21.00 14.08 -3.54
N ALA A 47 -21.41 14.22 -2.30
CA ALA A 47 -20.46 14.57 -1.25
C ALA A 47 -19.46 13.46 -1.11
N MET A 48 -19.86 12.21 -1.25
CA MET A 48 -18.91 11.12 -1.05
C MET A 48 -17.98 11.07 -2.21
N ARG A 49 -18.50 11.30 -3.40
CA ARG A 49 -17.61 11.36 -4.54
C ARG A 49 -16.56 12.47 -4.43
N THR A 50 -16.97 13.60 -3.88
CA THR A 50 -16.08 14.70 -3.69
C THR A 50 -14.99 14.29 -2.77
N VAL A 51 -15.28 13.50 -1.73
CA VAL A 51 -14.17 13.02 -0.87
C VAL A 51 -13.23 12.16 -1.68
N LEU A 52 -13.76 11.22 -2.42
CA LEU A 52 -12.88 10.30 -3.13
C LEU A 52 -12.06 10.95 -4.28
N GLU A 53 -12.57 12.03 -4.82
CA GLU A 53 -11.82 12.75 -5.87
C GLU A 53 -10.51 13.25 -5.37
N SER A 54 -10.30 13.43 -4.06
CA SER A 54 -8.97 13.83 -3.68
C SER A 54 -8.16 12.86 -2.83
N VAL A 55 -8.55 11.60 -2.71
CA VAL A 55 -7.75 10.71 -1.89
C VAL A 55 -6.58 10.16 -2.73
N PRO A 56 -5.51 9.69 -2.09
CA PRO A 56 -4.47 8.94 -2.81
C PRO A 56 -5.03 7.74 -3.57
N PRO A 57 -4.61 7.58 -4.82
CA PRO A 57 -5.17 6.59 -5.66
C PRO A 57 -4.71 5.17 -5.14
N VAL A 58 -5.47 4.14 -5.48
CA VAL A 58 -5.09 2.76 -5.22
C VAL A 58 -3.96 2.23 -6.06
N THR A 59 -3.92 2.70 -7.32
CA THR A 59 -2.91 2.33 -8.27
C THR A 59 -2.46 3.60 -8.97
N VAL A 60 -1.40 3.46 -9.76
CA VAL A 60 -0.91 4.62 -10.46
C VAL A 60 -0.76 4.31 -11.89
N PRO A 61 -0.74 5.32 -12.75
CA PRO A 61 -0.76 5.03 -14.22
C PRO A 61 0.28 4.13 -14.84
N SER A 62 1.52 4.26 -14.44
CA SER A 62 2.57 3.45 -14.95
C SER A 62 2.47 1.98 -14.62
N GLU A 63 1.79 1.64 -13.52
CA GLU A 63 1.48 0.22 -13.33
C GLU A 63 0.44 -0.30 -14.32
N ILE A 64 -0.50 0.55 -14.66
CA ILE A 64 -1.54 0.18 -15.63
C ILE A 64 -0.96 0.08 -17.06
N VAL A 65 -0.14 1.02 -17.44
CA VAL A 65 0.63 0.94 -18.72
C VAL A 65 1.50 -0.33 -18.76
N ARG A 66 2.17 -0.67 -17.69
CA ARG A 66 2.85 -1.94 -17.62
C ARG A 66 1.93 -3.20 -17.76
N LEU A 67 0.81 -3.23 -17.03
CA LEU A 67 -0.12 -4.31 -17.21
C LEU A 67 -0.55 -4.42 -18.71
N GLN A 68 -0.80 -3.29 -19.31
CA GLN A 68 -1.20 -3.25 -20.72
C GLN A 68 -0.20 -3.95 -21.63
N GLU A 69 1.06 -3.66 -21.44
CA GLU A 69 2.14 -4.35 -22.16
C GLU A 69 2.20 -5.85 -21.88
N GLN A 70 1.92 -6.27 -20.67
CA GLN A 70 1.92 -7.69 -20.39
C GLN A 70 0.70 -8.40 -20.95
N LEU A 71 -0.46 -7.72 -20.96
CA LEU A 71 -1.64 -8.28 -21.53
C LEU A 71 -1.51 -8.25 -23.07
N ALA A 72 -0.72 -7.36 -23.64
CA ALA A 72 -0.55 -7.41 -25.10
C ALA A 72 0.12 -8.74 -25.47
N GLN A 73 1.11 -9.12 -24.65
CA GLN A 73 1.80 -10.41 -24.78
C GLN A 73 0.83 -11.63 -24.66
N VAL A 74 -0.15 -11.57 -23.74
CA VAL A 74 -1.13 -12.62 -23.58
C VAL A 74 -1.94 -12.69 -24.90
N ALA A 75 -2.39 -11.55 -25.39
CA ALA A 75 -3.21 -11.50 -26.59
C ALA A 75 -2.46 -12.02 -27.84
N LYS A 76 -1.16 -11.79 -27.90
CA LYS A 76 -0.37 -12.36 -28.99
C LYS A 76 -0.01 -13.88 -28.80
N GLY A 77 -0.47 -14.53 -27.77
CA GLY A 77 -0.23 -15.96 -27.64
C GLY A 77 1.07 -16.29 -26.95
N GLU A 78 1.68 -15.34 -26.25
CA GLU A 78 2.94 -15.61 -25.56
C GLU A 78 2.89 -15.45 -24.04
N ALA A 79 1.71 -15.32 -23.49
CA ALA A 79 1.61 -15.31 -22.06
C ALA A 79 0.21 -15.71 -21.73
N PHE A 80 -0.04 -15.99 -20.48
CA PHE A 80 -1.33 -16.57 -20.02
C PHE A 80 -1.83 -15.72 -18.88
N LEU A 81 -3.14 -15.46 -18.86
CA LEU A 81 -3.75 -14.69 -17.84
C LEU A 81 -4.39 -15.55 -16.72
N LEU A 82 -3.92 -15.37 -15.49
CA LEU A 82 -4.61 -15.93 -14.31
C LEU A 82 -5.28 -14.84 -13.53
N GLN A 83 -6.60 -14.88 -13.41
CA GLN A 83 -7.33 -13.87 -12.62
C GLN A 83 -8.17 -14.58 -11.62
N GLY A 84 -8.08 -14.19 -10.37
CA GLY A 84 -8.70 -14.97 -9.34
C GLY A 84 -8.75 -14.35 -7.95
N GLY A 85 -9.76 -14.72 -7.16
CA GLY A 85 -9.92 -14.24 -5.80
C GLY A 85 -11.38 -14.36 -5.41
N ASP A 86 -11.77 -13.71 -4.34
CA ASP A 86 -13.10 -13.80 -3.80
C ASP A 86 -14.20 -13.38 -4.81
N CYS A 87 -15.33 -14.07 -4.74
CA CYS A 87 -16.53 -13.67 -5.43
C CYS A 87 -16.86 -12.27 -5.01
N ALA A 88 -17.08 -12.07 -3.72
CA ALA A 88 -17.27 -10.75 -3.14
C ALA A 88 -16.39 -10.54 -1.90
N GLU A 89 -15.54 -9.52 -1.89
CA GLU A 89 -14.80 -9.24 -0.68
C GLU A 89 -15.75 -8.56 0.30
N THR A 90 -15.62 -8.91 1.57
CA THR A 90 -16.29 -8.23 2.60
C THR A 90 -15.33 -7.43 3.43
N PHE A 91 -15.85 -6.36 3.99
CA PHE A 91 -15.06 -5.51 4.83
C PHE A 91 -14.56 -6.23 6.11
N MET A 92 -15.43 -7.07 6.68
CA MET A 92 -15.09 -7.77 7.93
C MET A 92 -14.08 -8.88 7.74
N ASP A 93 -13.92 -9.38 6.54
CA ASP A 93 -12.96 -10.42 6.24
C ASP A 93 -11.73 -9.85 5.52
N ASN A 94 -11.66 -8.55 5.36
CA ASN A 94 -10.53 -7.94 4.65
C ASN A 94 -9.41 -7.82 5.67
N THR A 95 -8.88 -8.99 6.03
CA THR A 95 -7.83 -9.09 6.99
C THR A 95 -6.57 -9.59 6.44
N GLU A 96 -5.50 -9.42 7.21
N GLU A 96 -5.52 -9.41 7.23
CA GLU A 96 -4.19 -9.89 6.81
CA GLU A 96 -4.22 -9.84 6.82
C GLU A 96 -4.22 -11.37 6.49
C GLU A 96 -4.21 -11.34 6.53
N PRO A 97 -4.84 -12.20 7.35
CA PRO A 97 -4.74 -13.62 6.95
C PRO A 97 -5.54 -13.98 5.72
N HIS A 98 -6.66 -13.31 5.50
CA HIS A 98 -7.43 -13.69 4.44
C HIS A 98 -6.72 -13.15 3.16
N ILE A 99 -6.26 -11.93 3.17
CA ILE A 99 -5.53 -11.42 2.04
C ILE A 99 -4.24 -12.23 1.71
N ARG A 100 -3.46 -12.55 2.74
N ARG A 100 -3.47 -12.55 2.75
CA ARG A 100 -2.27 -13.44 2.58
CA ARG A 100 -2.29 -13.41 2.58
C ARG A 100 -2.64 -14.78 1.89
C ARG A 100 -2.64 -14.76 1.90
N GLY A 101 -3.73 -15.39 2.36
CA GLY A 101 -4.18 -16.66 1.80
C GLY A 101 -4.55 -16.57 0.32
N ASN A 102 -5.27 -15.56 -0.10
CA ASN A 102 -5.60 -15.37 -1.54
C ASN A 102 -4.42 -15.05 -2.35
N VAL A 103 -3.53 -14.26 -1.80
CA VAL A 103 -2.31 -14.01 -2.53
C VAL A 103 -1.44 -15.25 -2.73
N ARG A 104 -1.25 -16.00 -1.65
CA ARG A 104 -0.54 -17.31 -1.71
C ARG A 104 -1.19 -18.22 -2.75
N ALA A 105 -2.52 -18.31 -2.74
CA ALA A 105 -3.17 -19.27 -3.60
C ALA A 105 -2.94 -18.91 -5.07
N LEU A 106 -2.88 -17.63 -5.36
CA LEU A 106 -2.71 -17.18 -6.70
C LEU A 106 -1.31 -17.40 -7.15
N LEU A 107 -0.33 -17.10 -6.31
CA LEU A 107 1.04 -17.39 -6.63
C LEU A 107 1.27 -18.94 -6.86
N GLN A 108 0.72 -19.80 -6.00
CA GLN A 108 0.79 -21.27 -6.18
C GLN A 108 0.20 -21.72 -7.48
N MET A 109 -1.00 -21.21 -7.83
CA MET A 109 -1.56 -21.56 -9.09
C MET A 109 -0.66 -21.10 -10.21
N ALA A 110 -0.15 -19.88 -10.11
CA ALA A 110 0.65 -19.28 -11.18
C ALA A 110 1.92 -20.07 -11.49
N VAL A 111 2.64 -20.53 -10.48
CA VAL A 111 3.91 -21.26 -10.78
C VAL A 111 3.54 -22.54 -11.53
N VAL A 112 2.47 -23.23 -11.12
CA VAL A 112 2.07 -24.43 -11.79
C VAL A 112 1.62 -24.14 -13.21
N LEU A 113 0.79 -23.11 -13.42
CA LEU A 113 0.34 -22.82 -14.81
C LEU A 113 1.52 -22.30 -15.69
N THR A 114 2.47 -21.64 -15.08
CA THR A 114 3.63 -21.20 -15.81
C THR A 114 4.43 -22.37 -16.36
N TYR A 115 4.59 -23.41 -15.53
CA TYR A 115 5.25 -24.61 -15.96
C TYR A 115 4.51 -25.31 -17.09
N GLY A 116 3.24 -25.51 -16.86
CA GLY A 116 2.34 -26.09 -17.88
C GLY A 116 2.35 -25.39 -19.20
N ALA A 117 2.35 -24.06 -19.19
CA ALA A 117 2.21 -23.25 -20.40
C ALA A 117 3.52 -22.94 -21.04
N SER A 118 4.60 -23.04 -20.29
CA SER A 118 5.92 -22.65 -20.79
C SER A 118 5.92 -21.24 -21.28
N MET A 119 5.19 -20.40 -20.59
CA MET A 119 5.19 -18.96 -20.91
C MET A 119 4.76 -18.13 -19.68
N PRO A 120 5.11 -16.84 -19.67
CA PRO A 120 4.83 -16.05 -18.48
C PRO A 120 3.29 -16.02 -18.15
N VAL A 121 2.95 -15.94 -16.85
CA VAL A 121 1.59 -15.85 -16.38
C VAL A 121 1.43 -14.50 -15.73
N VAL A 122 0.44 -13.76 -16.20
CA VAL A 122 0.12 -12.45 -15.65
C VAL A 122 -0.88 -12.69 -14.54
N LYS A 123 -0.59 -12.22 -13.33
CA LYS A 123 -1.43 -12.49 -12.12
C LYS A 123 -2.31 -11.26 -11.81
N VAL A 124 -3.63 -11.40 -11.99
CA VAL A 124 -4.52 -10.39 -11.65
C VAL A 124 -5.44 -10.91 -10.54
N ALA A 125 -5.37 -10.33 -9.34
CA ALA A 125 -6.31 -10.72 -8.27
C ALA A 125 -7.65 -9.97 -8.39
N ARG A 126 -8.69 -10.61 -7.90
CA ARG A 126 -9.96 -9.91 -7.65
C ARG A 126 -9.84 -9.51 -6.22
N ILE A 127 -9.49 -8.27 -5.97
CA ILE A 127 -9.10 -7.84 -4.65
C ILE A 127 -9.05 -6.37 -4.63
N ALA A 128 -9.16 -5.80 -3.43
CA ALA A 128 -8.98 -4.36 -3.24
C ALA A 128 -10.06 -3.55 -3.95
N GLY A 129 -11.28 -4.05 -3.83
CA GLY A 129 -12.42 -3.37 -4.56
C GLY A 129 -13.60 -4.16 -5.06
N GLN A 130 -13.50 -5.49 -4.96
CA GLN A 130 -14.63 -6.36 -5.30
C GLN A 130 -15.78 -6.35 -4.28
N TYR A 131 -16.43 -5.22 -4.16
CA TYR A 131 -17.36 -4.97 -3.03
C TYR A 131 -18.84 -4.61 -3.44
N ALA A 132 -19.16 -4.86 -4.69
CA ALA A 132 -20.46 -4.59 -5.23
C ALA A 132 -20.77 -5.68 -6.25
N LYS A 133 -21.98 -6.15 -6.19
CA LYS A 133 -22.48 -7.16 -7.09
C LYS A 133 -23.87 -6.75 -7.57
N PRO A 134 -24.27 -7.20 -8.77
CA PRO A 134 -25.63 -7.08 -9.22
C PRO A 134 -26.51 -8.04 -8.49
N ARG A 135 -27.82 -7.86 -8.64
CA ARG A 135 -28.81 -8.85 -8.22
C ARG A 135 -29.84 -9.02 -9.29
N SER A 136 -30.48 -10.19 -9.35
CA SER A 136 -31.65 -10.50 -10.20
CA SER A 136 -31.63 -10.40 -10.25
C SER A 136 -32.94 -9.92 -9.60
N ALA A 137 -33.14 -10.17 -8.32
CA ALA A 137 -34.37 -9.77 -7.60
C ALA A 137 -34.00 -8.69 -6.61
N ASP A 138 -34.88 -7.72 -6.48
CA ASP A 138 -34.77 -6.67 -5.50
C ASP A 138 -35.35 -7.19 -4.16
N ILE A 139 -35.99 -8.39 -4.15
CA ILE A 139 -36.34 -9.09 -2.87
C ILE A 139 -35.73 -10.47 -2.72
N ASP A 140 -35.06 -10.72 -1.61
CA ASP A 140 -34.44 -12.04 -1.43
C ASP A 140 -35.34 -12.99 -0.63
N ALA A 141 -34.78 -14.17 -0.41
CA ALA A 141 -35.50 -15.27 0.16
C ALA A 141 -35.97 -14.98 1.57
N LEU A 142 -35.29 -14.15 2.35
CA LEU A 142 -35.76 -13.77 3.67
C LEU A 142 -36.78 -12.60 3.63
N GLY A 143 -37.14 -12.15 2.44
CA GLY A 143 -38.12 -11.03 2.36
C GLY A 143 -37.53 -9.63 2.49
N LEU A 144 -36.21 -9.56 2.43
CA LEU A 144 -35.51 -8.31 2.57
C LEU A 144 -35.01 -7.85 1.20
N ARG A 145 -34.82 -6.55 1.07
CA ARG A 145 -34.05 -6.14 -0.05
C ARG A 145 -32.64 -6.66 0.00
N SER A 146 -32.19 -7.00 -1.21
CA SER A 146 -31.10 -7.79 -1.44
C SER A 146 -29.77 -7.13 -1.05
N TYR A 147 -28.90 -8.02 -0.61
CA TYR A 147 -27.52 -7.61 -0.35
C TYR A 147 -26.85 -7.27 -1.65
N ARG A 148 -26.25 -6.10 -1.76
CA ARG A 148 -25.54 -5.72 -2.98
C ARG A 148 -24.01 -5.69 -2.91
N GLY A 149 -23.42 -6.20 -1.83
CA GLY A 149 -21.99 -5.98 -1.62
C GLY A 149 -21.74 -4.87 -0.66
N ASP A 150 -20.61 -4.92 0.05
CA ASP A 150 -20.35 -3.99 1.11
C ASP A 150 -20.20 -2.56 0.71
N MET A 151 -19.92 -2.31 -0.58
CA MET A 151 -19.83 -0.95 -1.03
C MET A 151 -21.25 -0.31 -1.05
N ILE A 152 -22.31 -1.13 -1.02
CA ILE A 152 -23.74 -0.65 -1.08
C ILE A 152 -24.50 -0.83 0.19
N ASN A 153 -24.48 -2.02 0.75
CA ASN A 153 -25.23 -2.26 1.96
C ASN A 153 -24.63 -3.41 2.71
N GLY A 154 -25.20 -3.81 3.83
CA GLY A 154 -24.57 -4.91 4.66
C GLY A 154 -25.27 -6.26 4.49
N PHE A 155 -24.47 -7.27 4.73
CA PHE A 155 -24.87 -8.68 4.57
C PHE A 155 -25.87 -9.06 5.62
N ALA A 156 -25.84 -8.44 6.80
CA ALA A 156 -26.66 -8.93 7.88
C ALA A 156 -28.11 -8.82 7.46
N PRO A 157 -28.92 -9.79 7.96
CA PRO A 157 -30.29 -9.90 7.51
C PRO A 157 -31.20 -9.01 8.29
N ASP A 158 -30.96 -7.70 8.26
CA ASP A 158 -31.73 -6.72 9.03
CA ASP A 158 -31.75 -6.73 9.03
C ASP A 158 -32.04 -5.58 8.08
N ALA A 159 -33.22 -5.00 8.19
CA ALA A 159 -33.67 -3.90 7.26
C ALA A 159 -32.68 -2.70 7.26
N ALA A 160 -32.28 -2.29 8.45
CA ALA A 160 -31.38 -1.16 8.59
C ALA A 160 -30.05 -1.37 7.82
N ALA A 161 -29.46 -2.53 8.02
CA ALA A 161 -28.28 -2.88 7.33
C ALA A 161 -28.44 -2.96 5.80
N ARG A 162 -29.64 -3.20 5.26
CA ARG A 162 -29.80 -3.41 3.81
C ARG A 162 -30.05 -2.11 3.12
N GLU A 163 -30.30 -1.05 3.86
CA GLU A 163 -30.44 0.22 3.18
C GLU A 163 -29.11 0.65 2.50
N HIS A 164 -29.26 1.40 1.41
CA HIS A 164 -28.15 1.77 0.56
C HIS A 164 -27.44 2.96 1.21
N ASP A 165 -26.20 2.79 1.65
CA ASP A 165 -25.53 3.82 2.42
C ASP A 165 -24.32 4.36 1.71
N PRO A 166 -24.39 5.61 1.22
CA PRO A 166 -23.28 6.09 0.40
C PRO A 166 -21.98 6.30 1.15
N SER A 167 -21.99 6.36 2.48
CA SER A 167 -20.73 6.43 3.22
C SER A 167 -19.95 5.16 3.00
N ARG A 168 -20.64 4.11 2.54
CA ARG A 168 -19.93 2.89 2.22
C ARG A 168 -19.01 3.07 0.98
N LEU A 169 -19.16 4.17 0.21
CA LEU A 169 -18.17 4.41 -0.84
C LEU A 169 -16.78 4.73 -0.25
N VAL A 170 -16.77 5.47 0.82
CA VAL A 170 -15.51 5.85 1.43
C VAL A 170 -14.94 4.66 2.21
N ARG A 171 -15.80 3.97 2.92
CA ARG A 171 -15.38 2.75 3.59
C ARG A 171 -14.79 1.77 2.63
N ALA A 172 -15.33 1.70 1.41
CA ALA A 172 -14.76 0.80 0.43
C ALA A 172 -13.36 1.22 0.05
N TYR A 173 -13.19 2.52 -0.17
CA TYR A 173 -11.92 3.04 -0.49
C TYR A 173 -10.89 2.70 0.64
N ALA A 174 -11.24 3.02 1.85
CA ALA A 174 -10.36 2.76 3.01
C ALA A 174 -9.95 1.29 3.01
N ASN A 175 -10.88 0.41 2.71
CA ASN A 175 -10.54 -1.02 2.69
C ASN A 175 -9.71 -1.42 1.52
N ALA A 176 -9.98 -0.78 0.36
CA ALA A 176 -9.19 -1.15 -0.82
C ALA A 176 -7.77 -0.70 -0.67
N SER A 177 -7.60 0.53 -0.21
CA SER A 177 -6.28 1.01 -0.07
C SER A 177 -5.51 0.22 0.95
N ALA A 178 -6.13 -0.22 2.04
CA ALA A 178 -5.39 -1.02 3.06
C ALA A 178 -5.00 -2.33 2.49
N ALA A 179 -5.92 -2.92 1.71
CA ALA A 179 -5.66 -4.21 1.14
C ALA A 179 -4.55 -4.12 0.13
N MET A 180 -4.59 -3.08 -0.69
CA MET A 180 -3.60 -2.93 -1.73
C MET A 180 -2.21 -2.67 -1.10
N ASN A 181 -2.15 -1.82 -0.11
CA ASN A 181 -0.95 -1.68 0.62
C ASN A 181 -0.34 -3.02 1.06
N LEU A 182 -1.14 -3.91 1.58
CA LEU A 182 -0.65 -5.18 2.01
C LEU A 182 -0.25 -6.11 0.85
N VAL A 183 -1.00 -6.08 -0.25
CA VAL A 183 -0.61 -6.85 -1.43
C VAL A 183 0.73 -6.42 -1.93
N ARG A 184 0.98 -5.11 -2.00
CA ARG A 184 2.25 -4.63 -2.45
C ARG A 184 3.36 -5.11 -1.51
N ALA A 185 3.17 -4.99 -0.20
CA ALA A 185 4.16 -5.45 0.76
C ALA A 185 4.47 -6.93 0.62
N LEU A 186 3.44 -7.73 0.50
CA LEU A 186 3.61 -9.14 0.36
C LEU A 186 4.23 -9.54 -0.94
N THR A 187 3.94 -8.85 -2.03
CA THR A 187 4.54 -9.26 -3.26
C THR A 187 6.01 -8.92 -3.33
N SER A 188 6.50 -8.02 -2.54
CA SER A 188 7.96 -7.85 -2.50
C SER A 188 8.57 -8.51 -1.26
N SER A 189 7.88 -9.46 -0.65
CA SER A 189 8.47 -10.17 0.49
C SER A 189 8.88 -11.57 0.03
N GLY A 190 9.42 -12.35 0.94
CA GLY A 190 9.67 -13.77 0.68
C GLY A 190 8.41 -14.56 0.34
N LEU A 191 7.23 -14.00 0.55
CA LEU A 191 6.01 -14.69 0.14
C LEU A 191 6.03 -14.96 -1.32
N ALA A 192 6.74 -14.13 -2.06
CA ALA A 192 6.72 -14.30 -3.49
C ALA A 192 7.82 -15.15 -4.06
N SER A 193 8.73 -15.64 -3.25
CA SER A 193 9.84 -16.44 -3.74
C SER A 193 9.36 -17.76 -4.36
N LEU A 194 9.80 -18.03 -5.56
CA LEU A 194 9.30 -19.14 -6.33
C LEU A 194 9.41 -20.48 -5.62
N HIS A 195 10.50 -20.71 -4.94
CA HIS A 195 10.74 -22.01 -4.41
C HIS A 195 9.85 -22.22 -3.19
N LEU A 196 9.72 -21.19 -2.37
CA LEU A 196 8.92 -21.28 -1.16
C LEU A 196 7.46 -21.61 -1.52
N VAL A 197 6.93 -20.84 -2.45
CA VAL A 197 5.54 -20.99 -2.86
C VAL A 197 5.30 -22.39 -3.41
N HIS A 198 6.27 -22.93 -4.14
CA HIS A 198 6.12 -24.27 -4.70
C HIS A 198 6.01 -25.34 -3.62
N ASP A 199 6.78 -25.20 -2.55
CA ASP A 199 6.81 -26.24 -1.52
C ASP A 199 5.40 -26.47 -1.00
N TRP A 200 4.66 -25.38 -0.82
CA TRP A 200 3.25 -25.46 -0.54
C TRP A 200 2.60 -26.44 -1.47
N ASN A 201 2.98 -26.38 -2.73
CA ASN A 201 2.42 -27.30 -3.70
C ASN A 201 2.71 -28.70 -3.19
N ARG A 202 3.86 -28.87 -2.57
CA ARG A 202 4.31 -30.21 -2.16
C ARG A 202 3.51 -30.74 -0.95
N GLU A 203 3.26 -29.88 0.06
CA GLU A 203 2.28 -30.18 1.14
C GLU A 203 0.92 -30.60 0.54
N PHE A 204 0.50 -29.94 -0.52
CA PHE A 204 -0.77 -30.22 -1.13
C PHE A 204 -0.82 -31.62 -1.72
N VAL A 205 0.23 -32.03 -2.39
CA VAL A 205 0.27 -33.41 -2.90
C VAL A 205 0.30 -34.39 -1.75
N ARG A 206 1.17 -34.16 -0.77
CA ARG A 206 1.26 -35.06 0.40
C ARG A 206 -0.13 -35.25 0.99
N THR A 207 -0.88 -34.17 1.20
CA THR A 207 -2.15 -34.26 1.93
C THR A 207 -3.44 -34.42 1.09
N SER A 208 -3.46 -34.08 -0.19
CA SER A 208 -4.69 -34.30 -0.99
C SER A 208 -4.96 -35.79 -1.16
N PRO A 209 -6.23 -36.22 -1.13
CA PRO A 209 -6.48 -37.65 -1.37
C PRO A 209 -6.26 -38.12 -2.82
N ALA A 210 -6.10 -37.19 -3.77
CA ALA A 210 -5.78 -37.49 -5.17
C ALA A 210 -4.34 -37.07 -5.48
N GLY A 211 -3.62 -36.77 -4.41
CA GLY A 211 -2.22 -36.40 -4.52
C GLY A 211 -1.47 -37.35 -5.45
N ALA A 212 -1.81 -38.62 -5.42
CA ALA A 212 -1.02 -39.54 -6.21
C ALA A 212 -1.09 -39.11 -7.67
N ARG A 213 -2.21 -38.59 -8.16
CA ARG A 213 -2.23 -38.26 -9.58
C ARG A 213 -1.61 -36.92 -9.98
N TYR A 214 -1.27 -36.03 -9.05
CA TYR A 214 -0.58 -34.75 -9.39
C TYR A 214 0.92 -34.73 -8.99
N GLU A 215 1.34 -35.81 -8.36
CA GLU A 215 2.70 -36.07 -7.92
C GLU A 215 3.72 -35.86 -9.04
N ALA A 216 3.40 -36.39 -10.20
CA ALA A 216 4.33 -36.43 -11.28
C ALA A 216 4.59 -34.98 -11.74
N LEU A 217 3.53 -34.20 -11.89
CA LEU A 217 3.71 -32.87 -12.40
C LEU A 217 4.40 -32.00 -11.33
N ALA A 218 4.06 -32.26 -10.09
CA ALA A 218 4.67 -31.55 -8.97
C ALA A 218 6.16 -31.80 -8.82
N THR A 219 6.58 -33.06 -8.98
CA THR A 219 7.98 -33.43 -8.93
C THR A 219 8.71 -32.75 -10.10
N GLU A 220 8.04 -32.72 -11.23
CA GLU A 220 8.62 -32.16 -12.42
C GLU A 220 8.83 -30.67 -12.24
N ILE A 221 7.82 -29.98 -11.69
CA ILE A 221 7.95 -28.58 -11.35
C ILE A 221 9.09 -28.31 -10.37
N ASP A 222 9.16 -29.14 -9.34
CA ASP A 222 10.20 -29.00 -8.36
C ASP A 222 11.59 -29.16 -8.98
N ARG A 223 11.74 -30.18 -9.79
CA ARG A 223 13.00 -30.39 -10.51
C ARG A 223 13.34 -29.27 -11.47
N GLY A 224 12.31 -28.60 -12.02
CA GLY A 224 12.54 -27.41 -12.83
C GLY A 224 13.08 -26.27 -11.98
N LEU A 225 12.55 -26.11 -10.76
CA LEU A 225 13.00 -25.08 -9.90
C LEU A 225 14.41 -25.30 -9.43
N ARG A 226 14.71 -26.51 -8.99
CA ARG A 226 16.04 -26.84 -8.54
C ARG A 226 17.02 -26.68 -9.74
N PHE A 227 16.60 -26.97 -10.95
CA PHE A 227 17.42 -26.73 -12.15
C PHE A 227 17.76 -25.26 -12.36
N MET A 228 16.76 -24.39 -12.22
CA MET A 228 16.95 -22.92 -12.32
C MET A 228 18.03 -22.50 -11.40
N SER A 229 17.93 -23.00 -10.19
CA SER A 229 18.82 -22.54 -9.14
C SER A 229 20.23 -23.12 -9.33
N ALA A 230 20.33 -24.35 -9.80
CA ALA A 230 21.62 -24.99 -10.12
C ALA A 230 22.37 -24.27 -11.29
N CYS A 231 21.63 -23.58 -12.14
CA CYS A 231 22.22 -22.75 -13.15
C CYS A 231 22.62 -21.39 -12.63
N GLY A 232 22.46 -21.10 -11.34
CA GLY A 232 22.90 -19.80 -10.84
C GLY A 232 21.82 -18.75 -10.65
N VAL A 233 20.56 -19.08 -10.95
CA VAL A 233 19.45 -18.11 -10.77
C VAL A 233 19.07 -18.02 -9.29
N ALA A 234 19.29 -16.88 -8.66
CA ALA A 234 18.76 -16.61 -7.28
C ALA A 234 17.56 -15.65 -7.33
N ASP A 235 16.79 -15.55 -6.24
CA ASP A 235 15.57 -14.71 -6.24
C ASP A 235 15.81 -13.26 -6.63
N ARG A 236 16.87 -12.68 -6.07
CA ARG A 236 17.47 -11.41 -6.53
C ARG A 236 17.68 -11.26 -8.08
N ASN A 237 17.81 -12.36 -8.81
CA ASN A 237 17.99 -12.35 -10.28
C ASN A 237 16.67 -12.21 -11.02
N LEU A 238 15.56 -12.43 -10.31
CA LEU A 238 14.25 -12.45 -10.93
C LEU A 238 13.55 -11.12 -10.64
N GLN A 239 12.76 -10.62 -11.57
CA GLN A 239 11.98 -9.38 -11.34
C GLN A 239 10.91 -9.68 -10.32
N THR A 240 10.67 -8.75 -9.40
CA THR A 240 9.74 -8.97 -8.29
C THR A 240 8.34 -9.32 -8.83
N ALA A 241 7.69 -10.26 -8.16
CA ALA A 241 6.30 -10.65 -8.28
C ALA A 241 5.33 -9.46 -8.39
N GLU A 242 4.48 -9.50 -9.39
CA GLU A 242 3.53 -8.41 -9.61
C GLU A 242 2.24 -9.09 -9.60
N ILE A 243 1.40 -8.67 -8.66
CA ILE A 243 0.02 -9.03 -8.63
C ILE A 243 -0.82 -7.75 -8.82
N TYR A 244 -1.71 -7.79 -9.80
CA TYR A 244 -2.49 -6.62 -10.18
C TYR A 244 -3.83 -6.77 -9.53
N ALA A 245 -4.51 -5.67 -9.33
CA ALA A 245 -5.83 -5.63 -8.75
C ALA A 245 -6.88 -5.36 -9.83
N SER A 246 -7.99 -6.03 -9.64
CA SER A 246 -9.15 -5.91 -10.42
C SER A 246 -10.42 -6.13 -9.62
N HIS A 247 -11.49 -5.50 -10.11
CA HIS A 247 -12.82 -5.82 -9.70
C HIS A 247 -13.82 -5.48 -10.85
N GLU A 248 -15.03 -5.90 -10.66
CA GLU A 248 -16.10 -5.55 -11.58
C GLU A 248 -16.43 -4.09 -11.32
N ALA A 249 -16.32 -3.30 -12.38
CA ALA A 249 -16.73 -1.91 -12.36
C ALA A 249 -18.28 -1.86 -12.42
N LEU A 250 -18.91 -1.65 -11.28
CA LEU A 250 -20.33 -1.73 -11.18
C LEU A 250 -20.90 -0.45 -10.66
N VAL A 251 -20.34 0.05 -9.56
CA VAL A 251 -20.86 1.22 -8.93
C VAL A 251 -20.20 2.49 -9.49
N LEU A 252 -20.94 3.21 -10.30
CA LEU A 252 -20.29 4.22 -11.16
C LEU A 252 -19.99 5.45 -10.38
N ASP A 253 -20.67 5.67 -9.27
CA ASP A 253 -20.21 6.75 -8.36
C ASP A 253 -18.80 6.55 -7.81
N TYR A 254 -18.45 5.29 -7.56
CA TYR A 254 -17.13 4.94 -7.07
C TYR A 254 -16.10 5.08 -8.16
N GLU A 255 -16.33 4.42 -9.27
CA GLU A 255 -15.39 4.47 -10.35
C GLU A 255 -15.17 5.84 -10.88
N ARG A 256 -16.20 6.64 -11.06
CA ARG A 256 -15.91 7.96 -11.60
C ARG A 256 -15.14 8.87 -10.64
N ALA A 257 -15.37 8.73 -9.32
CA ALA A 257 -14.72 9.56 -8.40
C ALA A 257 -13.22 9.15 -8.34
N MET A 258 -12.87 7.94 -8.77
CA MET A 258 -11.50 7.45 -8.71
C MET A 258 -10.76 7.69 -10.09
N LEU A 259 -11.41 8.45 -10.97
CA LEU A 259 -10.71 8.78 -12.21
C LEU A 259 -9.57 9.76 -11.98
N ARG A 260 -8.50 9.57 -12.74
CA ARG A 260 -7.36 10.45 -12.66
C ARG A 260 -6.76 10.68 -14.04
N LEU A 261 -6.21 11.87 -14.23
CA LEU A 261 -5.43 12.20 -15.44
C LEU A 261 -3.98 11.88 -15.25
N SER A 262 -3.30 11.21 -16.16
CA SER A 262 -1.85 10.89 -15.93
C SER A 262 -0.98 12.15 -16.15
N ASP A 263 0.27 12.11 -15.66
CA ASP A 263 1.38 13.08 -15.90
C ASP A 263 1.59 13.62 -17.30
N GLY A 264 1.41 12.77 -18.28
CA GLY A 264 1.58 13.13 -19.68
C GLY A 264 3.04 13.10 -20.14
N ASP A 265 3.95 12.80 -19.23
CA ASP A 265 5.36 12.75 -19.59
C ASP A 265 5.70 11.63 -20.58
N ASP A 266 5.18 10.43 -20.32
CA ASP A 266 5.34 9.30 -21.22
C ASP A 266 4.62 9.51 -22.54
N GLY A 267 3.36 9.96 -22.40
CA GLY A 267 2.43 10.14 -23.50
C GLY A 267 1.38 11.15 -23.10
N GLU A 268 0.64 11.69 -24.06
CA GLU A 268 -0.32 12.74 -23.76
C GLU A 268 -1.18 12.24 -22.60
N PRO A 269 -1.51 13.21 -21.64
CA PRO A 269 -2.16 12.64 -20.45
C PRO A 269 -3.47 11.94 -20.77
N GLN A 270 -3.71 10.82 -20.11
CA GLN A 270 -4.90 10.03 -20.39
C GLN A 270 -5.63 9.79 -19.09
N LEU A 271 -6.91 9.52 -19.25
CA LEU A 271 -7.81 9.16 -18.20
C LEU A 271 -7.68 7.70 -17.72
N PHE A 272 -7.35 7.51 -16.43
CA PHE A 272 -7.27 6.15 -15.83
C PHE A 272 -8.23 6.05 -14.64
N ASP A 273 -8.91 4.91 -14.47
CA ASP A 273 -9.64 4.62 -13.19
C ASP A 273 -8.51 4.11 -12.27
N LEU A 274 -8.19 4.83 -11.21
CA LEU A 274 -7.12 4.41 -10.34
C LEU A 274 -7.65 3.73 -9.08
N SER A 275 -8.84 3.15 -9.18
CA SER A 275 -9.38 2.34 -8.13
C SER A 275 -8.87 0.90 -8.31
N ALA A 276 -8.21 0.59 -9.38
CA ALA A 276 -7.72 -0.74 -9.67
C ALA A 276 -6.81 -0.66 -10.90
N HIS A 277 -6.22 -1.78 -11.31
CA HIS A 277 -5.45 -1.83 -12.54
C HIS A 277 -6.31 -2.17 -13.73
N THR A 278 -7.20 -3.12 -13.54
CA THR A 278 -8.14 -3.45 -14.60
C THR A 278 -9.47 -3.74 -14.03
N VAL A 279 -10.50 -3.53 -14.84
CA VAL A 279 -11.86 -3.77 -14.42
C VAL A 279 -12.63 -4.52 -15.53
N TRP A 280 -13.70 -5.23 -15.18
CA TRP A 280 -14.53 -5.80 -16.17
C TRP A 280 -15.97 -5.37 -15.97
N ILE A 281 -16.74 -5.50 -17.05
CA ILE A 281 -18.19 -5.22 -17.05
C ILE A 281 -18.90 -6.54 -17.04
N GLY A 282 -19.79 -6.76 -16.07
CA GLY A 282 -20.53 -8.01 -15.94
C GLY A 282 -21.69 -8.16 -16.93
N GLU A 283 -22.22 -9.35 -16.92
CA GLU A 283 -23.26 -9.83 -17.77
C GLU A 283 -24.52 -8.94 -17.75
N ARG A 284 -24.87 -8.40 -16.59
CA ARG A 284 -26.05 -7.59 -16.38
C ARG A 284 -25.88 -6.10 -16.56
N THR A 285 -24.70 -5.63 -16.86
CA THR A 285 -24.48 -4.22 -17.05
C THR A 285 -23.73 -3.88 -18.29
N ARG A 286 -23.62 -4.83 -19.16
CA ARG A 286 -23.00 -4.63 -20.44
C ARG A 286 -23.91 -4.19 -21.58
N GLN A 287 -24.99 -3.51 -21.28
CA GLN A 287 -25.81 -2.98 -22.41
C GLN A 287 -24.89 -2.14 -23.28
N ILE A 288 -24.92 -2.41 -24.57
CA ILE A 288 -24.03 -1.74 -25.50
C ILE A 288 -24.11 -0.20 -25.47
N ASP A 289 -25.29 0.31 -25.16
CA ASP A 289 -25.56 1.74 -25.10
C ASP A 289 -25.72 2.23 -23.69
N GLY A 290 -25.31 1.39 -22.74
CA GLY A 290 -25.41 1.76 -21.35
C GLY A 290 -24.21 2.55 -20.84
N ALA A 291 -24.28 3.01 -19.58
CA ALA A 291 -23.20 3.76 -18.96
C ALA A 291 -21.91 2.94 -18.66
N HIS A 292 -22.01 1.64 -18.42
CA HIS A 292 -20.82 0.85 -18.16
C HIS A 292 -19.91 0.70 -19.29
N ILE A 293 -20.47 0.20 -20.38
CA ILE A 293 -19.68 0.12 -21.63
C ILE A 293 -19.17 1.50 -21.98
N ALA A 294 -19.95 2.55 -21.81
CA ALA A 294 -19.38 3.90 -22.17
C ALA A 294 -18.26 4.38 -21.23
N PHE A 295 -18.36 4.04 -19.94
CA PHE A 295 -17.33 4.44 -18.99
C PHE A 295 -16.07 3.68 -19.37
N ALA A 296 -16.20 2.41 -19.70
CA ALA A 296 -15.08 1.62 -20.19
C ALA A 296 -14.44 2.14 -21.45
N GLN A 297 -15.16 2.84 -22.29
CA GLN A 297 -14.56 3.36 -23.54
C GLN A 297 -13.70 4.51 -23.18
N VAL A 298 -14.07 5.29 -22.17
CA VAL A 298 -13.36 6.51 -21.87
C VAL A 298 -12.03 6.33 -21.10
N ILE A 299 -11.85 5.22 -20.37
CA ILE A 299 -10.66 5.06 -19.57
C ILE A 299 -9.59 4.33 -20.33
N ALA A 300 -8.35 4.55 -19.92
CA ALA A 300 -7.26 3.90 -20.57
C ALA A 300 -6.97 2.53 -20.03
N ASN A 301 -7.50 2.13 -18.85
CA ASN A 301 -7.15 0.80 -18.28
C ASN A 301 -7.51 -0.32 -19.24
N PRO A 302 -6.75 -1.41 -19.21
CA PRO A 302 -7.37 -2.58 -19.80
C PRO A 302 -8.72 -2.98 -19.23
N VAL A 303 -9.64 -3.46 -20.07
CA VAL A 303 -10.93 -3.88 -19.60
C VAL A 303 -11.37 -5.23 -20.04
N GLY A 304 -12.35 -5.82 -19.33
CA GLY A 304 -13.00 -7.10 -19.70
C GLY A 304 -14.49 -6.98 -19.86
N VAL A 305 -15.10 -7.82 -20.69
CA VAL A 305 -16.57 -7.94 -20.76
C VAL A 305 -16.93 -9.38 -20.60
N LYS A 306 -17.82 -9.69 -19.65
CA LYS A 306 -18.27 -11.07 -19.48
C LYS A 306 -19.27 -11.41 -20.64
N LEU A 307 -19.12 -12.58 -21.27
CA LEU A 307 -19.98 -13.03 -22.34
C LEU A 307 -20.57 -14.37 -21.93
N GLY A 308 -21.89 -14.37 -21.75
CA GLY A 308 -22.60 -15.58 -21.39
C GLY A 308 -23.36 -16.20 -22.55
N PRO A 309 -24.21 -17.19 -22.25
CA PRO A 309 -24.80 -18.01 -23.31
C PRO A 309 -25.69 -17.29 -24.28
N ASN A 310 -26.25 -16.12 -23.96
CA ASN A 310 -27.05 -15.34 -24.94
C ASN A 310 -26.26 -14.53 -25.92
N MET A 311 -24.96 -14.52 -25.76
CA MET A 311 -24.13 -13.75 -26.62
C MET A 311 -24.21 -14.18 -28.11
N THR A 312 -24.19 -13.20 -28.99
CA THR A 312 -24.16 -13.41 -30.43
C THR A 312 -22.83 -12.94 -30.94
N PRO A 313 -22.36 -13.54 -32.03
CA PRO A 313 -21.11 -13.08 -32.59
C PRO A 313 -21.16 -11.62 -33.00
N GLU A 314 -22.30 -11.08 -33.42
CA GLU A 314 -22.39 -9.68 -33.80
C GLU A 314 -22.30 -8.79 -32.58
N LEU A 315 -22.92 -9.19 -31.49
CA LEU A 315 -22.85 -8.30 -30.32
C LEU A 315 -21.35 -8.25 -29.81
N ALA A 316 -20.66 -9.37 -29.87
CA ALA A 316 -19.28 -9.44 -29.48
C ALA A 316 -18.43 -8.53 -30.34
N VAL A 317 -18.69 -8.50 -31.65
CA VAL A 317 -17.99 -7.60 -32.55
C VAL A 317 -18.25 -6.15 -32.20
N GLU A 318 -19.47 -5.79 -31.87
CA GLU A 318 -19.68 -4.43 -31.41
C GLU A 318 -18.85 -4.08 -30.14
N TYR A 319 -18.64 -5.03 -29.23
CA TYR A 319 -17.81 -4.73 -28.01
C TYR A 319 -16.44 -4.39 -28.43
N VAL A 320 -15.94 -5.06 -29.46
CA VAL A 320 -14.59 -4.88 -29.96
C VAL A 320 -14.41 -3.50 -30.62
N GLU A 321 -15.41 -3.07 -31.36
CA GLU A 321 -15.30 -1.81 -32.04
C GLU A 321 -15.49 -0.69 -31.06
N ARG A 322 -16.34 -0.84 -30.05
CA ARG A 322 -16.51 0.21 -29.05
C ARG A 322 -15.26 0.30 -28.16
N LEU A 323 -14.78 -0.85 -27.66
CA LEU A 323 -13.77 -0.85 -26.63
C LEU A 323 -12.33 -1.02 -27.05
N ASP A 324 -12.09 -1.42 -28.29
CA ASP A 324 -10.70 -1.46 -28.84
C ASP A 324 -10.67 -0.70 -30.16
N PRO A 325 -11.11 0.57 -30.13
CA PRO A 325 -11.20 1.26 -31.43
C PRO A 325 -9.82 1.45 -32.04
N HIS A 326 -8.76 1.62 -31.25
CA HIS A 326 -7.44 1.82 -31.81
C HIS A 326 -6.69 0.53 -32.03
N ASN A 327 -7.32 -0.62 -31.96
CA ASN A 327 -6.56 -1.86 -32.19
C ASN A 327 -5.31 -2.05 -31.32
N LYS A 328 -5.48 -2.06 -29.99
CA LYS A 328 -4.36 -2.19 -29.07
C LYS A 328 -4.40 -3.56 -28.47
N PRO A 329 -3.50 -4.42 -28.89
CA PRO A 329 -3.58 -5.80 -28.33
C PRO A 329 -3.67 -5.86 -26.76
N GLY A 330 -4.64 -6.60 -26.25
CA GLY A 330 -4.82 -6.82 -24.84
C GLY A 330 -5.53 -5.71 -24.14
N ARG A 331 -6.05 -4.76 -24.88
CA ARG A 331 -6.78 -3.73 -24.24
C ARG A 331 -8.14 -4.30 -23.86
N LEU A 332 -8.65 -5.22 -24.66
CA LEU A 332 -9.92 -5.85 -24.34
C LEU A 332 -9.76 -7.35 -24.14
N THR A 333 -10.36 -7.86 -23.04
CA THR A 333 -10.50 -9.26 -22.74
C THR A 333 -11.97 -9.62 -22.91
N LEU A 334 -12.27 -10.68 -23.64
CA LEU A 334 -13.61 -11.24 -23.72
C LEU A 334 -13.63 -12.48 -22.83
N VAL A 335 -14.51 -12.49 -21.85
CA VAL A 335 -14.56 -13.55 -20.84
C VAL A 335 -15.77 -14.45 -21.07
N SER A 336 -15.50 -15.63 -21.56
CA SER A 336 -16.50 -16.57 -21.86
C SER A 336 -16.99 -17.26 -20.57
N ARG A 337 -18.29 -17.26 -20.34
CA ARG A 337 -18.89 -18.00 -19.21
C ARG A 337 -20.21 -18.65 -19.66
N MET A 338 -20.10 -19.81 -20.28
CA MET A 338 -21.21 -20.32 -21.05
C MET A 338 -21.89 -21.52 -20.38
N GLY A 339 -21.22 -22.16 -19.42
CA GLY A 339 -21.65 -23.46 -18.94
C GLY A 339 -20.93 -24.56 -19.68
N ASN A 340 -20.56 -25.62 -18.97
CA ASN A 340 -19.72 -26.67 -19.55
C ASN A 340 -20.42 -27.46 -20.69
N HIS A 341 -21.72 -27.64 -20.54
CA HIS A 341 -22.59 -28.23 -21.56
C HIS A 341 -22.85 -27.31 -22.78
N LYS A 342 -22.41 -26.06 -22.73
CA LYS A 342 -22.64 -25.21 -23.87
C LYS A 342 -21.44 -24.60 -24.49
N VAL A 343 -20.31 -24.59 -23.81
CA VAL A 343 -19.17 -23.85 -24.34
C VAL A 343 -18.72 -24.33 -25.73
N ARG A 344 -18.65 -25.66 -25.91
CA ARG A 344 -18.26 -26.24 -27.20
C ARG A 344 -19.13 -25.81 -28.35
N ASP A 345 -20.40 -25.54 -28.11
CA ASP A 345 -21.24 -25.09 -29.21
C ASP A 345 -21.19 -23.62 -29.37
N LEU A 346 -21.32 -22.90 -28.26
CA LEU A 346 -21.61 -21.47 -28.33
C LEU A 346 -20.37 -20.62 -28.56
N LEU A 347 -19.21 -21.07 -28.12
CA LEU A 347 -18.05 -20.20 -28.19
C LEU A 347 -17.45 -20.06 -29.62
N PRO A 348 -17.38 -21.18 -30.38
CA PRO A 348 -16.71 -21.14 -31.67
C PRO A 348 -17.14 -20.04 -32.66
N PRO A 349 -18.47 -19.86 -32.88
CA PRO A 349 -18.81 -18.79 -33.78
C PRO A 349 -18.50 -17.37 -33.23
N ILE A 350 -18.55 -17.17 -31.91
CA ILE A 350 -18.13 -15.88 -31.35
C ILE A 350 -16.65 -15.64 -31.70
N VAL A 351 -15.80 -16.62 -31.47
CA VAL A 351 -14.37 -16.45 -31.71
C VAL A 351 -14.07 -16.27 -33.19
N GLU A 352 -14.71 -17.03 -34.08
CA GLU A 352 -14.48 -16.82 -35.53
C GLU A 352 -14.81 -15.39 -35.93
N LYS A 353 -15.99 -14.94 -35.57
CA LYS A 353 -16.39 -13.58 -35.92
C LYS A 353 -15.43 -12.53 -35.36
N VAL A 354 -15.01 -12.67 -34.10
CA VAL A 354 -14.12 -11.66 -33.55
C VAL A 354 -12.74 -11.67 -34.16
N GLN A 355 -12.14 -12.85 -34.35
CA GLN A 355 -10.82 -12.91 -35.03
C GLN A 355 -10.88 -12.26 -36.40
N ALA A 356 -12.00 -12.43 -37.11
CA ALA A 356 -12.09 -11.89 -38.49
C ALA A 356 -12.02 -10.34 -38.53
N THR A 357 -12.17 -9.67 -37.39
CA THR A 357 -12.12 -8.19 -37.36
C THR A 357 -10.69 -7.68 -37.42
N GLY A 358 -9.72 -8.57 -37.29
CA GLY A 358 -8.34 -8.12 -37.26
C GLY A 358 -7.89 -7.66 -35.83
N HIS A 359 -8.78 -7.60 -34.85
CA HIS A 359 -8.37 -7.09 -33.50
C HIS A 359 -7.78 -8.17 -32.65
N GLN A 360 -6.93 -7.83 -31.71
CA GLN A 360 -6.36 -8.91 -30.88
C GLN A 360 -6.85 -8.84 -29.44
N VAL A 361 -7.96 -9.51 -29.18
CA VAL A 361 -8.51 -9.64 -27.86
C VAL A 361 -7.89 -10.76 -27.10
N ILE A 362 -8.03 -10.75 -25.76
CA ILE A 362 -7.64 -11.92 -24.98
C ILE A 362 -8.91 -12.69 -24.74
N TRP A 363 -8.84 -14.00 -24.92
CA TRP A 363 -9.93 -14.89 -24.70
C TRP A 363 -9.67 -15.53 -23.40
N GLN A 364 -10.61 -15.33 -22.48
CA GLN A 364 -10.44 -15.82 -21.10
C GLN A 364 -11.62 -16.65 -20.73
N CYS A 365 -11.35 -17.73 -20.00
CA CYS A 365 -12.43 -18.58 -19.57
C CYS A 365 -12.82 -18.33 -18.14
N ASP A 366 -14.11 -18.04 -17.93
CA ASP A 366 -14.71 -18.08 -16.61
C ASP A 366 -15.60 -19.31 -16.52
N PRO A 367 -15.04 -20.40 -16.00
CA PRO A 367 -15.80 -21.66 -15.82
C PRO A 367 -16.95 -21.59 -14.82
N MET A 368 -16.74 -20.93 -13.69
CA MET A 368 -17.64 -20.98 -12.54
C MET A 368 -19.06 -20.41 -12.71
N HIS A 369 -19.17 -19.27 -13.39
CA HIS A 369 -20.44 -18.52 -13.43
C HIS A 369 -21.60 -19.24 -14.13
N GLY A 370 -21.30 -19.92 -15.23
CA GLY A 370 -22.32 -20.59 -16.04
C GLY A 370 -22.71 -21.94 -15.46
N ASN A 371 -22.07 -22.36 -14.36
CA ASN A 371 -22.22 -23.70 -13.82
C ASN A 371 -22.69 -23.68 -12.39
N THR A 372 -23.48 -22.67 -12.07
CA THR A 372 -24.03 -22.53 -10.74
C THR A 372 -25.40 -23.24 -10.59
N HIS A 373 -25.64 -23.86 -9.43
CA HIS A 373 -26.88 -24.60 -9.06
C HIS A 373 -27.09 -24.72 -7.49
N GLU A 374 -28.32 -24.99 -7.06
CA GLU A 374 -28.59 -25.18 -5.63
C GLU A 374 -28.49 -26.63 -5.16
N SER A 375 -28.07 -26.83 -3.91
CA SER A 375 -27.96 -28.19 -3.37
C SER A 375 -29.32 -28.55 -2.81
N SER A 376 -29.52 -29.85 -2.57
CA SER A 376 -30.72 -30.38 -1.88
C SER A 376 -30.74 -29.88 -0.45
N THR A 377 -29.55 -29.67 0.12
CA THR A 377 -29.37 -29.19 1.50
C THR A 377 -29.57 -27.65 1.68
N GLY A 378 -30.14 -26.97 0.68
CA GLY A 378 -30.36 -25.50 0.72
C GLY A 378 -29.35 -24.62 -0.05
N PHE A 379 -28.05 -24.81 0.26
CA PHE A 379 -26.95 -23.91 -0.17
C PHE A 379 -26.82 -23.80 -1.68
N LYS A 380 -26.41 -22.63 -2.17
CA LYS A 380 -26.06 -22.42 -3.59
C LYS A 380 -24.68 -23.03 -3.84
N THR A 381 -24.45 -23.66 -5.00
CA THR A 381 -23.21 -24.44 -5.20
C THR A 381 -22.84 -24.76 -6.68
N ARG A 382 -21.62 -25.24 -6.86
CA ARG A 382 -21.13 -25.61 -8.18
C ARG A 382 -20.36 -26.91 -8.08
N HIS A 383 -20.35 -27.69 -9.16
CA HIS A 383 -19.62 -28.88 -9.18
C HIS A 383 -18.27 -28.64 -9.85
N PHE A 384 -17.24 -28.96 -9.09
CA PHE A 384 -15.87 -29.00 -9.56
C PHE A 384 -15.73 -29.61 -10.97
N ASP A 385 -16.28 -30.81 -11.19
CA ASP A 385 -16.17 -31.44 -12.52
C ASP A 385 -16.74 -30.61 -13.59
N ARG A 386 -17.83 -29.92 -13.33
CA ARG A 386 -18.40 -29.09 -14.38
C ARG A 386 -17.51 -27.87 -14.69
N ILE A 387 -16.89 -27.30 -13.66
CA ILE A 387 -15.98 -26.19 -13.81
C ILE A 387 -14.81 -26.62 -14.67
N VAL A 388 -14.23 -27.74 -14.28
CA VAL A 388 -13.12 -28.33 -15.04
C VAL A 388 -13.45 -28.54 -16.49
N ASP A 389 -14.62 -29.12 -16.72
CA ASP A 389 -15.04 -29.46 -18.06
C ASP A 389 -15.28 -28.25 -18.94
N GLU A 390 -15.68 -27.12 -18.37
CA GLU A 390 -15.82 -25.90 -19.16
C GLU A 390 -14.49 -25.36 -19.59
N VAL A 391 -13.53 -25.38 -18.67
CA VAL A 391 -12.16 -25.03 -19.10
C VAL A 391 -11.64 -25.97 -20.24
N GLN A 392 -11.80 -27.27 -20.05
CA GLN A 392 -11.45 -28.26 -21.10
C GLN A 392 -12.13 -27.91 -22.47
N GLY A 393 -13.45 -27.70 -22.42
CA GLY A 393 -14.17 -27.34 -23.63
C GLY A 393 -13.71 -26.04 -24.25
N PHE A 394 -13.33 -25.07 -23.44
CA PHE A 394 -12.77 -23.78 -23.91
C PHE A 394 -11.47 -24.02 -24.66
N PHE A 395 -10.62 -24.87 -24.09
CA PHE A 395 -9.34 -25.21 -24.72
C PHE A 395 -9.57 -25.95 -26.07
N GLU A 396 -10.52 -26.87 -26.09
CA GLU A 396 -10.81 -27.57 -27.38
C GLU A 396 -11.26 -26.59 -28.42
N VAL A 397 -12.18 -25.68 -28.09
CA VAL A 397 -12.62 -24.67 -29.08
C VAL A 397 -11.40 -23.92 -29.67
N HIS A 398 -10.50 -23.49 -28.77
CA HIS A 398 -9.36 -22.73 -29.23
C HIS A 398 -8.38 -23.59 -30.06
N ARG A 399 -8.08 -24.79 -29.60
CA ARG A 399 -7.18 -25.63 -30.38
C ARG A 399 -7.80 -25.88 -31.78
N ALA A 400 -9.08 -26.24 -31.81
CA ALA A 400 -9.77 -26.40 -33.09
C ALA A 400 -9.64 -25.16 -33.93
N LEU A 401 -9.68 -23.96 -33.35
CA LEU A 401 -9.69 -22.76 -34.21
C LEU A 401 -8.30 -22.26 -34.53
N GLY A 402 -7.30 -22.75 -33.82
CA GLY A 402 -5.94 -22.23 -33.92
C GLY A 402 -5.69 -20.94 -33.18
N THR A 403 -6.59 -20.60 -32.25
CA THR A 403 -6.45 -19.39 -31.44
C THR A 403 -5.88 -19.66 -30.08
N HIS A 404 -5.61 -18.58 -29.37
CA HIS A 404 -4.97 -18.67 -28.05
C HIS A 404 -5.99 -18.76 -26.94
N PRO A 405 -6.06 -19.94 -26.28
CA PRO A 405 -6.78 -19.92 -25.04
C PRO A 405 -6.01 -19.05 -24.02
N GLY A 406 -6.46 -17.83 -23.75
CA GLY A 406 -5.62 -16.85 -23.09
C GLY A 406 -5.56 -16.81 -21.59
N GLY A 407 -6.52 -17.41 -20.93
CA GLY A 407 -6.49 -17.37 -19.48
C GLY A 407 -7.75 -17.91 -18.90
N ILE A 408 -7.78 -17.82 -17.56
CA ILE A 408 -8.94 -18.17 -16.78
C ILE A 408 -9.19 -17.09 -15.74
N HIS A 409 -10.44 -17.10 -15.32
CA HIS A 409 -11.00 -16.18 -14.38
C HIS A 409 -11.81 -16.99 -13.40
N VAL A 410 -11.36 -17.03 -12.17
CA VAL A 410 -11.96 -17.92 -11.21
C VAL A 410 -12.15 -17.29 -9.88
N GLU A 411 -13.06 -17.87 -9.12
CA GLU A 411 -13.37 -17.44 -7.76
C GLU A 411 -12.84 -18.45 -6.77
N ILE A 412 -11.96 -17.99 -5.92
CA ILE A 412 -11.18 -18.88 -5.04
C ILE A 412 -10.92 -18.18 -3.72
N THR A 413 -10.57 -18.96 -2.69
CA THR A 413 -9.90 -18.48 -1.47
C THR A 413 -8.83 -19.46 -0.99
N GLY A 414 -7.89 -18.93 -0.20
CA GLY A 414 -6.90 -19.75 0.50
C GLY A 414 -7.39 -20.30 1.81
N GLU A 415 -8.66 -20.10 2.16
CA GLU A 415 -9.31 -20.78 3.26
C GLU A 415 -9.68 -22.21 2.83
N ASN A 416 -9.72 -23.12 3.80
CA ASN A 416 -10.32 -24.46 3.62
C ASN A 416 -11.86 -24.49 3.93
N VAL A 417 -12.57 -23.80 3.04
CA VAL A 417 -14.01 -23.65 3.06
C VAL A 417 -14.70 -24.81 2.34
N THR A 418 -15.99 -25.00 2.59
CA THR A 418 -16.74 -26.06 1.89
C THR A 418 -17.87 -25.43 1.10
N GLU A 419 -17.61 -25.01 -0.14
CA GLU A 419 -18.57 -24.24 -0.94
C GLU A 419 -18.89 -24.86 -2.29
N CYS A 420 -17.82 -25.28 -2.97
CA CYS A 420 -17.96 -26.08 -4.19
C CYS A 420 -17.93 -27.59 -3.88
N LEU A 421 -18.78 -28.32 -4.58
CA LEU A 421 -18.90 -29.77 -4.48
C LEU A 421 -17.83 -30.41 -5.36
N GLY A 422 -17.40 -31.59 -4.94
CA GLY A 422 -16.43 -32.35 -5.67
C GLY A 422 -14.99 -32.07 -5.31
N GLY A 423 -14.14 -32.38 -6.29
CA GLY A 423 -12.73 -32.27 -6.14
C GLY A 423 -12.23 -33.48 -5.39
N ALA A 424 -10.92 -33.53 -5.15
CA ALA A 424 -10.30 -34.68 -4.54
C ALA A 424 -10.83 -34.93 -3.13
N GLN A 425 -11.25 -33.88 -2.42
CA GLN A 425 -11.82 -34.04 -1.08
C GLN A 425 -13.29 -34.54 -1.15
N ASP A 426 -13.84 -34.56 -2.36
CA ASP A 426 -15.20 -35.03 -2.59
C ASP A 426 -16.20 -34.31 -1.67
N ILE A 427 -16.19 -32.99 -1.70
CA ILE A 427 -17.10 -32.23 -0.88
C ILE A 427 -18.53 -32.62 -1.31
N SER A 428 -19.35 -32.91 -0.31
CA SER A 428 -20.72 -33.34 -0.52
C SER A 428 -21.73 -32.32 -0.09
N GLU A 429 -23.01 -32.57 -0.45
CA GLU A 429 -24.15 -31.70 -0.07
C GLU A 429 -24.29 -31.55 1.44
N THR A 430 -24.10 -32.63 2.19
CA THR A 430 -23.99 -32.52 3.63
C THR A 430 -22.81 -31.65 4.07
N ASP A 431 -21.67 -31.74 3.41
CA ASP A 431 -20.48 -30.93 3.79
C ASP A 431 -20.69 -29.41 3.72
N LEU A 432 -21.51 -28.93 2.78
CA LEU A 432 -21.68 -27.49 2.55
C LEU A 432 -21.95 -26.66 3.81
N ALA A 433 -22.71 -27.19 4.75
CA ALA A 433 -22.98 -26.47 6.01
C ALA A 433 -21.76 -26.34 6.95
N GLY A 434 -20.67 -27.07 6.71
CA GLY A 434 -19.48 -27.01 7.59
C GLY A 434 -18.80 -25.64 7.58
N ARG A 435 -18.46 -25.16 6.39
CA ARG A 435 -17.87 -23.82 6.22
C ARG A 435 -18.27 -23.24 4.88
N TYR A 436 -19.53 -22.83 4.81
CA TYR A 436 -20.04 -22.00 3.72
C TYR A 436 -19.89 -20.52 4.15
N GLU A 437 -18.81 -19.89 3.71
CA GLU A 437 -18.48 -18.55 4.21
C GLU A 437 -18.65 -17.44 3.19
N THR A 438 -18.75 -17.76 1.88
CA THR A 438 -18.95 -16.74 0.82
C THR A 438 -20.18 -15.86 1.17
N ALA A 439 -20.01 -14.57 0.94
CA ALA A 439 -21.11 -13.66 1.00
C ALA A 439 -21.80 -13.61 -0.35
N CYS A 440 -21.49 -14.51 -1.27
CA CYS A 440 -22.14 -14.57 -2.59
C CYS A 440 -21.92 -15.96 -3.20
N ASP A 441 -21.24 -16.13 -4.33
CA ASP A 441 -21.21 -17.47 -4.90
C ASP A 441 -20.16 -18.42 -4.27
N PRO A 442 -20.33 -19.74 -4.48
CA PRO A 442 -19.35 -20.69 -3.98
C PRO A 442 -18.00 -20.50 -4.66
N ARG A 443 -16.95 -20.43 -3.83
CA ARG A 443 -15.59 -20.30 -4.30
C ARG A 443 -14.93 -21.67 -4.27
N LEU A 444 -13.94 -21.87 -5.13
CA LEU A 444 -13.06 -22.98 -4.91
C LEU A 444 -12.23 -22.77 -3.65
N ASN A 445 -12.10 -23.80 -2.85
CA ASN A 445 -11.29 -23.65 -1.73
C ASN A 445 -9.84 -23.81 -2.13
N THR A 446 -9.01 -23.75 -1.13
CA THR A 446 -7.59 -23.77 -1.36
C THR A 446 -7.12 -25.02 -2.14
N GLN A 447 -7.54 -26.21 -1.72
CA GLN A 447 -7.19 -27.41 -2.45
C GLN A 447 -7.76 -27.48 -3.86
N GLN A 448 -9.00 -27.05 -4.03
CA GLN A 448 -9.65 -27.22 -5.30
C GLN A 448 -9.03 -26.29 -6.32
N SER A 449 -8.65 -25.11 -5.85
CA SER A 449 -8.13 -24.12 -6.76
C SER A 449 -6.74 -24.61 -7.24
N LEU A 450 -5.99 -25.29 -6.38
CA LEU A 450 -4.68 -25.83 -6.76
C LEU A 450 -4.82 -26.99 -7.75
N GLU A 451 -5.78 -27.84 -7.41
CA GLU A 451 -6.13 -28.96 -8.24
C GLU A 451 -6.55 -28.49 -9.63
N LEU A 452 -7.41 -27.49 -9.69
CA LEU A 452 -7.73 -26.92 -10.95
C LEU A 452 -6.49 -26.44 -11.68
N ALA A 453 -5.59 -25.73 -11.01
CA ALA A 453 -4.37 -25.32 -11.65
C ALA A 453 -3.55 -26.48 -12.24
N PHE A 454 -3.43 -27.58 -11.52
CA PHE A 454 -2.74 -28.79 -12.06
C PHE A 454 -3.48 -29.35 -13.26
N LEU A 455 -4.81 -29.31 -13.25
CA LEU A 455 -5.56 -29.77 -14.42
C LEU A 455 -5.47 -28.87 -15.61
N VAL A 456 -5.41 -27.57 -15.39
CA VAL A 456 -5.26 -26.67 -16.52
C VAL A 456 -3.85 -26.71 -17.04
N ALA A 457 -2.88 -26.94 -16.18
CA ALA A 457 -1.50 -27.13 -16.68
C ALA A 457 -1.41 -28.31 -17.67
N GLU A 458 -2.07 -29.42 -17.34
CA GLU A 458 -2.13 -30.58 -18.23
C GLU A 458 -2.81 -30.20 -19.52
N MET A 459 -3.82 -29.33 -19.48
CA MET A 459 -4.44 -28.93 -20.74
C MET A 459 -3.47 -28.11 -21.57
N LEU A 460 -2.70 -27.25 -20.91
CA LEU A 460 -1.74 -26.39 -21.61
C LEU A 460 -0.62 -27.20 -22.26
N ARG A 461 -0.16 -28.26 -21.58
CA ARG A 461 0.84 -29.19 -22.12
C ARG A 461 0.41 -30.08 -23.30
N ASP A 462 -0.81 -30.62 -23.20
CA ASP A 462 -1.37 -31.58 -24.12
C ASP A 462 -0.82 -31.51 -25.53
N MET B 1 -22.89 12.67 7.63
CA MET B 1 -21.65 13.11 6.94
C MET B 1 -20.46 12.30 7.50
N ASN B 2 -20.65 11.00 7.71
CA ASN B 2 -19.56 10.20 8.16
C ASN B 2 -19.66 8.72 7.72
N TRP B 3 -18.54 7.99 7.81
CA TRP B 3 -18.54 6.57 7.49
C TRP B 3 -18.53 5.84 8.75
N THR B 4 -18.94 4.57 8.70
CA THR B 4 -19.31 3.79 9.88
C THR B 4 -18.57 2.48 9.83
N VAL B 5 -17.86 2.19 10.92
CA VAL B 5 -17.07 0.97 11.06
C VAL B 5 -17.55 0.14 12.24
N ASP B 6 -17.72 -1.16 12.00
CA ASP B 6 -18.16 -2.09 13.05
C ASP B 6 -17.08 -2.45 14.07
N ILE B 7 -17.50 -2.69 15.31
CA ILE B 7 -16.62 -3.21 16.34
C ILE B 7 -16.76 -4.72 16.29
N PRO B 8 -15.71 -5.43 15.81
CA PRO B 8 -15.72 -6.90 15.71
C PRO B 8 -16.12 -7.59 17.04
N ILE B 9 -16.72 -8.77 16.93
CA ILE B 9 -17.55 -9.36 17.99
C ILE B 9 -17.58 -10.89 17.93
N PRO B 13 -10.96 -14.27 20.03
CA PRO B 13 -10.93 -14.73 18.63
C PRO B 13 -9.77 -14.17 17.76
N SER B 14 -9.80 -12.87 17.43
CA SER B 14 -9.01 -12.31 16.30
C SER B 14 -7.44 -12.41 16.32
N LEU B 15 -6.79 -11.86 17.35
CA LEU B 15 -5.34 -12.00 17.40
C LEU B 15 -4.96 -13.35 18.04
N PRO B 16 -3.90 -14.00 17.52
CA PRO B 16 -3.35 -15.07 18.36
C PRO B 16 -2.99 -14.49 19.77
N PRO B 17 -3.22 -15.27 20.83
CA PRO B 17 -2.84 -14.81 22.17
C PRO B 17 -1.36 -14.70 22.23
N LEU B 18 -0.88 -13.71 22.94
CA LEU B 18 0.55 -13.56 23.06
C LEU B 18 1.10 -14.72 23.89
N PRO B 19 2.34 -15.20 23.56
CA PRO B 19 3.05 -16.04 24.52
C PRO B 19 3.06 -15.25 25.81
N THR B 20 3.05 -15.98 26.95
CA THR B 20 2.86 -15.44 28.27
C THR B 20 3.82 -14.35 28.70
N ASP B 21 5.11 -14.54 28.42
CA ASP B 21 6.10 -13.54 28.69
C ASP B 21 5.90 -12.21 27.91
N LEU B 22 5.47 -12.30 26.64
CA LEU B 22 5.24 -11.07 25.85
C LEU B 22 4.05 -10.31 26.46
N ARG B 23 3.01 -11.02 26.85
CA ARG B 23 1.85 -10.41 27.49
C ARG B 23 2.21 -9.77 28.83
N THR B 24 3.04 -10.45 29.62
CA THR B 24 3.53 -9.88 30.85
C THR B 24 4.35 -8.66 30.63
N ARG B 25 5.28 -8.75 29.70
CA ARG B 25 6.14 -7.62 29.49
C ARG B 25 5.34 -6.51 28.84
N LEU B 26 4.38 -6.83 27.98
CA LEU B 26 3.64 -5.70 27.42
C LEU B 26 2.79 -5.01 28.45
N ASP B 27 2.08 -5.79 29.26
CA ASP B 27 1.29 -5.18 30.37
C ASP B 27 2.12 -4.36 31.34
N ALA B 28 3.26 -4.91 31.79
CA ALA B 28 4.18 -4.13 32.65
C ALA B 28 4.55 -2.85 31.93
N ALA B 29 4.88 -2.90 30.64
CA ALA B 29 5.31 -1.68 30.00
C ALA B 29 4.15 -0.65 29.99
N LEU B 30 2.94 -1.08 29.59
CA LEU B 30 1.87 -0.09 29.52
C LEU B 30 1.33 0.39 30.82
N ALA B 31 1.47 -0.37 31.88
CA ALA B 31 1.04 0.10 33.20
C ALA B 31 1.97 1.20 33.76
N LYS B 32 3.15 1.41 33.22
CA LYS B 32 3.97 2.50 33.71
C LYS B 32 3.42 3.83 33.35
N PRO B 33 3.91 4.88 33.98
CA PRO B 33 3.25 6.19 33.63
C PRO B 33 3.69 6.64 32.23
N ALA B 34 2.84 7.42 31.57
CA ALA B 34 2.99 7.79 30.21
C ALA B 34 2.63 9.23 30.09
N ALA B 35 3.58 10.05 29.74
CA ALA B 35 3.33 11.43 29.46
C ALA B 35 2.60 11.59 28.12
N GLN B 36 1.94 12.72 28.00
CA GLN B 36 1.49 13.29 26.76
C GLN B 36 0.39 12.52 26.05
N GLN B 37 -0.32 11.72 26.79
CA GLN B 37 -1.39 10.92 26.31
C GLN B 37 -2.71 11.68 26.16
N PRO B 38 -3.55 11.27 25.17
CA PRO B 38 -4.85 11.91 25.02
C PRO B 38 -5.71 11.57 26.21
N THR B 39 -6.70 12.38 26.53
CA THR B 39 -7.61 12.15 27.66
C THR B 39 -8.96 11.92 26.99
N TRP B 40 -9.29 10.68 26.73
CA TRP B 40 -10.52 10.30 26.17
C TRP B 40 -10.90 9.03 26.95
N PRO B 41 -12.16 8.64 26.88
CA PRO B 41 -12.56 7.52 27.76
C PRO B 41 -12.01 6.17 27.35
N ALA B 42 -11.65 5.40 28.36
CA ALA B 42 -11.03 4.12 28.17
C ALA B 42 -11.90 3.16 27.35
N ASP B 43 -13.20 3.22 27.55
CA ASP B 43 -14.08 2.33 26.86
C ASP B 43 -14.11 2.68 25.37
N GLN B 44 -14.00 3.96 24.99
CA GLN B 44 -14.03 4.35 23.58
C GLN B 44 -12.68 3.99 22.97
N ALA B 45 -11.59 4.28 23.70
CA ALA B 45 -10.25 3.87 23.28
C ALA B 45 -10.24 2.37 22.98
N LEU B 46 -10.75 1.61 23.94
CA LEU B 46 -10.79 0.17 23.74
C LEU B 46 -11.52 -0.30 22.48
N ALA B 47 -12.64 0.37 22.18
CA ALA B 47 -13.40 -0.03 20.98
C ALA B 47 -12.59 0.22 19.70
N MET B 48 -11.96 1.38 19.62
CA MET B 48 -11.07 1.77 18.46
C MET B 48 -9.87 0.80 18.37
N ARG B 49 -9.30 0.40 19.53
CA ARG B 49 -8.16 -0.57 19.48
C ARG B 49 -8.61 -1.89 18.93
N THR B 50 -9.86 -2.23 19.21
CA THR B 50 -10.39 -3.52 18.79
C THR B 50 -10.58 -3.50 17.28
N VAL B 51 -10.95 -2.36 16.74
CA VAL B 51 -10.98 -2.21 15.23
C VAL B 51 -9.56 -2.33 14.66
N LEU B 52 -8.62 -1.56 15.20
CA LEU B 52 -7.26 -1.53 14.65
C LEU B 52 -6.51 -2.87 14.82
N GLU B 53 -6.96 -3.68 15.79
CA GLU B 53 -6.39 -4.97 15.98
C GLU B 53 -6.67 -5.95 14.83
N SER B 54 -7.70 -5.71 14.01
CA SER B 54 -8.14 -6.54 12.88
CA SER B 54 -7.94 -6.65 12.90
C SER B 54 -7.66 -6.04 11.49
N VAL B 55 -7.09 -4.82 11.41
CA VAL B 55 -6.77 -4.23 10.10
C VAL B 55 -5.51 -4.79 9.51
N PRO B 56 -5.39 -4.74 8.15
CA PRO B 56 -4.09 -5.01 7.51
C PRO B 56 -3.07 -4.03 7.99
N PRO B 57 -1.88 -4.54 8.34
CA PRO B 57 -0.85 -3.66 8.89
C PRO B 57 -0.28 -2.68 7.79
N VAL B 58 0.30 -1.58 8.24
CA VAL B 58 0.94 -0.65 7.35
C VAL B 58 2.26 -1.21 6.81
N THR B 59 2.99 -1.90 7.69
CA THR B 59 4.24 -2.54 7.31
C THR B 59 4.21 -3.97 7.61
N VAL B 60 5.19 -4.75 7.12
CA VAL B 60 5.32 -6.13 7.50
C VAL B 60 6.71 -6.44 8.04
N PRO B 61 6.80 -7.50 8.84
CA PRO B 61 8.07 -7.70 9.58
C PRO B 61 9.31 -7.87 8.77
N SER B 62 9.20 -8.48 7.60
CA SER B 62 10.38 -8.72 6.78
C SER B 62 11.00 -7.37 6.45
N GLU B 63 10.15 -6.38 6.24
CA GLU B 63 10.61 -5.04 5.78
C GLU B 63 11.40 -4.39 6.91
N ILE B 64 10.97 -4.65 8.11
CA ILE B 64 11.57 -4.13 9.35
C ILE B 64 12.89 -4.83 9.69
N VAL B 65 12.97 -6.11 9.39
CA VAL B 65 14.24 -6.88 9.42
C VAL B 65 15.26 -6.39 8.41
N ARG B 66 14.83 -6.07 7.18
CA ARG B 66 15.71 -5.50 6.18
C ARG B 66 16.15 -4.11 6.60
N LEU B 67 15.22 -3.28 7.10
CA LEU B 67 15.62 -2.00 7.55
C LEU B 67 16.72 -2.14 8.64
N GLN B 68 16.53 -3.09 9.54
N GLN B 68 16.56 -3.04 9.60
CA GLN B 68 17.45 -3.29 10.65
CA GLN B 68 17.57 -3.11 10.69
C GLN B 68 18.86 -3.57 10.14
C GLN B 68 18.94 -3.55 10.14
N GLU B 69 18.95 -4.35 9.09
CA GLU B 69 20.23 -4.73 8.45
C GLU B 69 20.86 -3.56 7.77
N GLN B 70 20.02 -2.72 7.14
CA GLN B 70 20.54 -1.52 6.51
C GLN B 70 21.01 -0.48 7.54
N LEU B 71 20.30 -0.44 8.67
CA LEU B 71 20.67 0.50 9.77
C LEU B 71 22.00 0.05 10.44
N ALA B 72 22.25 -1.25 10.45
CA ALA B 72 23.45 -1.86 10.98
C ALA B 72 24.58 -1.30 10.24
N GLN B 73 24.46 -1.24 8.91
CA GLN B 73 25.50 -0.66 8.11
C GLN B 73 25.77 0.78 8.44
N VAL B 74 24.72 1.55 8.67
CA VAL B 74 24.91 2.92 9.03
C VAL B 74 25.69 3.00 10.40
N ALA B 75 25.30 2.16 11.38
CA ALA B 75 25.89 2.18 12.73
C ALA B 75 27.39 1.86 12.62
N LYS B 76 27.76 1.06 11.63
CA LYS B 76 29.15 0.68 11.39
C LYS B 76 30.00 1.65 10.56
N GLY B 77 29.43 2.74 10.16
CA GLY B 77 30.17 3.74 9.47
C GLY B 77 30.22 3.49 7.97
N GLU B 78 29.33 2.64 7.44
CA GLU B 78 29.29 2.28 5.98
C GLU B 78 28.02 2.67 5.23
N ALA B 79 27.13 3.42 5.88
CA ALA B 79 26.00 4.03 5.18
C ALA B 79 25.62 5.25 5.97
N PHE B 80 24.65 5.95 5.48
CA PHE B 80 24.22 7.21 6.10
C PHE B 80 22.69 7.21 6.07
N LEU B 81 22.08 7.76 7.11
CA LEU B 81 20.62 7.79 7.27
C LEU B 81 20.05 9.15 6.98
N LEU B 82 19.10 9.23 6.09
CA LEU B 82 18.34 10.43 5.87
C LEU B 82 16.92 10.19 6.30
N GLN B 83 16.48 11.01 7.23
CA GLN B 83 15.11 10.91 7.74
C GLN B 83 14.47 12.28 7.64
N GLY B 84 13.32 12.30 6.94
CA GLY B 84 12.65 13.52 6.71
C GLY B 84 11.21 13.44 6.22
N GLY B 85 10.48 14.56 6.41
CA GLY B 85 9.15 14.81 5.94
C GLY B 85 8.45 15.82 6.86
N ASP B 86 7.11 15.80 6.85
CA ASP B 86 6.32 16.77 7.57
C ASP B 86 6.55 16.71 9.08
N CYS B 87 6.57 17.88 9.72
CA CYS B 87 6.48 17.98 11.10
C CYS B 87 5.27 17.24 11.61
N ALA B 88 4.08 17.59 11.16
CA ALA B 88 2.87 16.84 11.47
C ALA B 88 2.09 16.54 10.15
N GLU B 89 1.73 15.31 9.80
CA GLU B 89 0.95 15.08 8.62
C GLU B 89 -0.44 15.47 9.05
N THR B 90 -1.29 15.91 8.13
CA THR B 90 -2.66 16.23 8.45
C THR B 90 -3.54 15.40 7.56
N PHE B 91 -4.76 15.09 8.02
CA PHE B 91 -5.72 14.34 7.18
C PHE B 91 -6.04 15.13 5.90
N MET B 92 -6.13 16.44 6.04
CA MET B 92 -6.59 17.32 4.95
C MET B 92 -5.54 17.35 3.88
N ASP B 93 -4.27 17.33 4.26
CA ASP B 93 -3.19 17.34 3.20
C ASP B 93 -2.59 15.99 2.78
N ASN B 94 -3.21 14.90 3.15
CA ASN B 94 -2.80 13.56 2.83
C ASN B 94 -3.30 13.29 1.42
N THR B 95 -2.75 14.01 0.47
CA THR B 95 -3.11 13.86 -0.93
C THR B 95 -1.95 13.41 -1.78
N GLU B 96 -2.27 12.97 -2.95
CA GLU B 96 -1.30 12.52 -3.87
C GLU B 96 -0.21 13.53 -4.14
N PRO B 97 -0.58 14.79 -4.48
CA PRO B 97 0.55 15.72 -4.73
C PRO B 97 1.40 15.98 -3.51
N HIS B 98 0.80 16.12 -2.35
CA HIS B 98 1.61 16.35 -1.19
C HIS B 98 2.56 15.15 -0.88
N ILE B 99 2.04 13.94 -0.94
CA ILE B 99 2.86 12.73 -0.76
C ILE B 99 4.00 12.61 -1.78
N ARG B 100 3.62 12.76 -3.05
CA ARG B 100 4.57 12.75 -4.13
C ARG B 100 5.68 13.85 -3.97
N GLY B 101 5.30 15.07 -3.57
CA GLY B 101 6.30 16.12 -3.38
C GLY B 101 7.24 15.70 -2.25
N ASN B 102 6.75 15.13 -1.17
CA ASN B 102 7.65 14.70 -0.10
C ASN B 102 8.57 13.53 -0.49
N VAL B 103 8.01 12.59 -1.23
CA VAL B 103 8.78 11.49 -1.76
C VAL B 103 9.88 11.99 -2.67
N ARG B 104 9.51 12.81 -3.63
CA ARG B 104 10.47 13.43 -4.51
CA ARG B 104 10.47 13.45 -4.52
C ARG B 104 11.59 14.18 -3.75
N ALA B 105 11.23 14.96 -2.75
CA ALA B 105 12.23 15.76 -2.03
C ALA B 105 13.22 14.87 -1.31
N LEU B 106 12.73 13.77 -0.80
CA LEU B 106 13.55 12.84 -0.08
C LEU B 106 14.52 12.12 -1.02
N LEU B 107 14.01 11.63 -2.16
CA LEU B 107 14.85 11.02 -3.16
C LEU B 107 15.91 12.00 -3.71
N GLN B 108 15.50 13.23 -3.97
CA GLN B 108 16.43 14.29 -4.39
C GLN B 108 17.55 14.53 -3.41
N MET B 109 17.20 14.74 -2.16
CA MET B 109 18.21 14.89 -1.15
C MET B 109 19.07 13.67 -1.07
N ALA B 110 18.47 12.49 -1.18
CA ALA B 110 19.21 11.25 -1.00
C ALA B 110 20.34 11.02 -2.00
N VAL B 111 20.08 11.29 -3.28
CA VAL B 111 21.12 11.11 -4.29
C VAL B 111 22.30 12.05 -4.05
N VAL B 112 22.01 13.29 -3.68
CA VAL B 112 23.05 14.27 -3.41
C VAL B 112 23.92 13.84 -2.22
N LEU B 113 23.27 13.32 -1.18
CA LEU B 113 23.96 12.85 -0.02
C LEU B 113 24.74 11.58 -0.27
N THR B 114 24.18 10.73 -1.10
CA THR B 114 24.86 9.49 -1.48
C THR B 114 26.21 9.86 -2.12
N TYR B 115 26.17 10.81 -3.03
CA TYR B 115 27.37 11.19 -3.82
C TYR B 115 28.42 11.77 -2.87
N GLY B 116 27.89 12.65 -2.02
CA GLY B 116 28.72 13.35 -1.02
C GLY B 116 29.32 12.37 -0.05
N ALA B 117 28.54 11.41 0.45
CA ALA B 117 29.09 10.41 1.40
C ALA B 117 29.88 9.28 0.78
N SER B 118 29.75 9.05 -0.53
CA SER B 118 30.32 7.87 -1.16
C SER B 118 29.91 6.59 -0.42
N MET B 119 28.68 6.50 0.03
CA MET B 119 28.15 5.24 0.61
C MET B 119 26.63 5.29 0.52
N PRO B 120 25.98 4.13 0.77
CA PRO B 120 24.54 4.08 0.59
C PRO B 120 23.84 5.02 1.57
N VAL B 121 22.66 5.56 1.17
CA VAL B 121 21.82 6.37 2.03
C VAL B 121 20.50 5.67 2.31
N VAL B 122 20.13 5.45 3.61
CA VAL B 122 18.89 4.83 3.96
C VAL B 122 17.85 5.94 4.08
N LYS B 123 16.69 5.79 3.44
CA LYS B 123 15.70 6.87 3.32
C LYS B 123 14.55 6.51 4.18
N VAL B 124 14.29 7.26 5.25
CA VAL B 124 13.16 7.01 6.06
C VAL B 124 12.32 8.25 6.05
N ALA B 125 11.06 8.13 5.58
CA ALA B 125 10.15 9.31 5.60
C ALA B 125 9.42 9.45 6.93
N ARG B 126 9.15 10.68 7.32
CA ARG B 126 8.20 10.95 8.33
C ARG B 126 6.87 10.96 7.62
N ILE B 127 6.14 9.86 7.68
CA ILE B 127 4.96 9.72 6.92
C ILE B 127 4.24 8.53 7.37
N ALA B 128 2.99 8.44 6.93
CA ALA B 128 2.10 7.31 7.14
C ALA B 128 1.92 7.02 8.60
N GLY B 129 1.66 8.09 9.32
CA GLY B 129 1.51 7.92 10.78
C GLY B 129 1.98 9.04 11.67
N GLN B 130 2.58 10.05 11.07
CA GLN B 130 3.08 11.19 11.88
C GLN B 130 1.97 12.17 12.24
N TYR B 131 1.06 11.72 13.10
CA TYR B 131 -0.23 12.40 13.27
C TYR B 131 -0.45 12.84 14.74
N ALA B 132 0.60 12.81 15.53
CA ALA B 132 0.44 13.14 16.95
C ALA B 132 1.58 13.92 17.37
N LYS B 133 1.33 14.95 18.16
CA LYS B 133 2.49 15.59 18.77
C LYS B 133 2.32 15.90 20.25
N PRO B 134 3.43 15.88 21.00
CA PRO B 134 3.40 16.33 22.37
C PRO B 134 3.21 17.87 22.44
N ARG B 135 2.72 18.37 23.58
CA ARG B 135 2.74 19.83 23.85
C ARG B 135 3.29 20.17 25.25
N SER B 136 3.96 21.31 25.38
CA SER B 136 4.43 21.72 26.73
C SER B 136 3.26 22.27 27.51
N ALA B 137 2.36 22.99 26.85
CA ALA B 137 1.26 23.63 27.57
C ALA B 137 -0.06 23.01 27.12
N ASP B 138 -0.95 22.73 28.06
CA ASP B 138 -2.29 22.23 27.73
C ASP B 138 -3.07 23.30 26.98
N ILE B 139 -2.91 24.55 27.39
CA ILE B 139 -3.65 25.66 26.84
C ILE B 139 -2.76 26.51 25.90
N ASP B 140 -3.21 26.71 24.70
CA ASP B 140 -2.35 27.40 23.72
C ASP B 140 -2.50 28.93 23.79
N ALA B 141 -1.90 29.66 22.87
CA ALA B 141 -1.95 31.14 22.90
C ALA B 141 -3.39 31.68 22.91
N LEU B 142 -4.30 31.03 22.22
CA LEU B 142 -5.65 31.56 22.12
C LEU B 142 -6.54 31.18 23.30
N GLY B 143 -5.97 30.54 24.30
CA GLY B 143 -6.74 30.06 25.42
C GLY B 143 -7.50 28.79 25.13
N LEU B 144 -7.28 28.17 23.95
CA LEU B 144 -7.88 26.89 23.58
C LEU B 144 -7.00 25.70 24.02
N ARG B 145 -7.63 24.54 24.28
CA ARG B 145 -6.87 23.32 24.54
C ARG B 145 -6.00 23.01 23.33
N SER B 146 -4.75 22.63 23.57
CA SER B 146 -3.77 22.63 22.52
C SER B 146 -4.06 21.62 21.46
N TYR B 147 -3.72 21.96 20.23
CA TYR B 147 -3.75 21.02 19.12
C TYR B 147 -2.69 19.94 19.31
N ARG B 148 -3.02 18.67 19.20
CA ARG B 148 -2.04 17.64 19.43
C ARG B 148 -1.90 16.67 18.26
N GLY B 149 -2.22 17.17 17.06
CA GLY B 149 -2.13 16.43 15.79
C GLY B 149 -3.45 15.74 15.55
N ASP B 150 -3.72 15.36 14.28
CA ASP B 150 -5.00 14.86 13.88
C ASP B 150 -5.41 13.48 14.44
N MET B 151 -4.47 12.74 14.98
CA MET B 151 -4.77 11.49 15.68
C MET B 151 -5.51 11.73 16.97
N ILE B 152 -5.49 12.95 17.43
CA ILE B 152 -6.09 13.30 18.73
C ILE B 152 -7.20 14.33 18.65
N ASN B 153 -6.96 15.37 17.89
CA ASN B 153 -7.88 16.47 17.85
C ASN B 153 -7.68 17.31 16.65
N GLY B 154 -8.55 18.34 16.46
CA GLY B 154 -8.48 19.16 15.25
C GLY B 154 -7.68 20.45 15.38
N PHE B 155 -7.07 20.86 14.27
CA PHE B 155 -6.28 22.09 14.19
C PHE B 155 -7.17 23.37 14.26
N ALA B 156 -8.43 23.27 13.86
CA ALA B 156 -9.25 24.46 13.86
C ALA B 156 -9.33 25.08 15.27
N PRO B 157 -9.36 26.42 15.30
CA PRO B 157 -9.30 27.17 16.55
C PRO B 157 -10.65 27.33 17.17
N ASP B 158 -11.30 26.22 17.51
CA ASP B 158 -12.43 26.24 18.39
C ASP B 158 -12.44 25.05 19.33
N ALA B 159 -13.17 25.25 20.40
CA ALA B 159 -13.08 24.40 21.51
C ALA B 159 -13.56 22.98 21.14
N ALA B 160 -14.67 22.89 20.43
CA ALA B 160 -15.23 21.61 20.09
C ALA B 160 -14.24 20.73 19.29
N ALA B 161 -13.63 21.33 18.31
CA ALA B 161 -12.70 20.71 17.49
C ALA B 161 -11.42 20.25 18.28
N ARG B 162 -11.14 20.88 19.42
CA ARG B 162 -10.01 20.54 20.26
C ARG B 162 -10.30 19.44 21.24
N GLU B 163 -11.56 19.01 21.27
CA GLU B 163 -11.85 17.89 22.17
C GLU B 163 -11.09 16.63 21.68
N HIS B 164 -10.58 15.85 22.59
CA HIS B 164 -9.81 14.67 22.25
C HIS B 164 -10.79 13.63 21.70
N ASP B 165 -10.59 13.16 20.49
CA ASP B 165 -11.57 12.25 19.91
C ASP B 165 -10.92 10.93 19.64
N PRO B 166 -11.49 9.85 20.16
CA PRO B 166 -10.86 8.56 19.87
C PRO B 166 -11.12 7.97 18.51
N SER B 167 -12.16 8.46 17.84
CA SER B 167 -12.43 7.97 16.48
C SER B 167 -11.29 8.40 15.54
N ARG B 168 -10.54 9.43 15.93
CA ARG B 168 -9.34 9.80 15.20
C ARG B 168 -8.23 8.74 15.12
N LEU B 169 -8.26 7.77 15.97
CA LEU B 169 -7.25 6.65 15.89
C LEU B 169 -7.47 5.84 14.61
N VAL B 170 -8.72 5.60 14.25
CA VAL B 170 -9.07 4.73 13.16
C VAL B 170 -8.92 5.56 11.85
N ARG B 171 -9.33 6.80 11.91
CA ARG B 171 -9.01 7.75 10.83
C ARG B 171 -7.52 7.95 10.56
N ALA B 172 -6.72 8.01 11.60
CA ALA B 172 -5.29 8.02 11.43
C ALA B 172 -4.77 6.82 10.67
N TYR B 173 -5.23 5.63 11.02
CA TYR B 173 -4.84 4.46 10.28
C TYR B 173 -5.32 4.49 8.84
N ALA B 174 -6.58 4.86 8.62
CA ALA B 174 -7.12 4.91 7.26
C ALA B 174 -6.18 5.81 6.40
N ASN B 175 -5.81 6.96 6.97
CA ASN B 175 -4.90 7.90 6.26
C ASN B 175 -3.47 7.32 6.09
N ALA B 176 -3.03 6.63 7.13
CA ALA B 176 -1.68 6.04 7.05
C ALA B 176 -1.59 4.97 6.02
N SER B 177 -2.60 4.07 6.00
CA SER B 177 -2.54 2.98 5.10
C SER B 177 -2.66 3.50 3.65
N ALA B 178 -3.44 4.53 3.44
CA ALA B 178 -3.56 5.09 2.08
C ALA B 178 -2.27 5.71 1.63
N ALA B 179 -1.66 6.46 2.52
CA ALA B 179 -0.43 7.09 2.14
C ALA B 179 0.64 6.06 1.87
N MET B 180 0.66 5.02 2.69
CA MET B 180 1.70 4.06 2.56
C MET B 180 1.53 3.29 1.24
N ASN B 181 0.30 3.01 0.88
CA ASN B 181 0.08 2.31 -0.37
C ASN B 181 0.71 3.11 -1.56
N LEU B 182 0.58 4.40 -1.52
CA LEU B 182 1.06 5.27 -2.56
C LEU B 182 2.56 5.44 -2.51
N VAL B 183 3.14 5.58 -1.35
CA VAL B 183 4.56 5.55 -1.24
C VAL B 183 5.13 4.29 -1.87
N ARG B 184 4.53 3.14 -1.64
CA ARG B 184 5.04 1.88 -2.24
C ARG B 184 4.85 1.90 -3.76
N ALA B 185 3.73 2.44 -4.24
CA ALA B 185 3.53 2.55 -5.70
C ALA B 185 4.57 3.51 -6.28
N LEU B 186 4.82 4.61 -5.58
CA LEU B 186 5.72 5.57 -6.08
C LEU B 186 7.22 5.12 -6.11
N THR B 187 7.62 4.28 -5.18
CA THR B 187 9.00 3.93 -5.11
C THR B 187 9.29 2.84 -6.09
N SER B 188 8.28 2.21 -6.69
CA SER B 188 8.55 1.23 -7.71
C SER B 188 8.11 1.72 -9.07
N SER B 189 7.95 3.03 -9.27
CA SER B 189 7.67 3.70 -10.52
C SER B 189 8.91 4.49 -11.04
N GLY B 190 8.74 5.16 -12.17
CA GLY B 190 9.83 5.96 -12.72
C GLY B 190 10.24 7.11 -11.83
N LEU B 191 9.38 7.51 -10.89
CA LEU B 191 9.75 8.55 -9.91
C LEU B 191 11.07 8.24 -9.26
N ALA B 192 11.37 6.95 -9.04
CA ALA B 192 12.61 6.59 -8.41
C ALA B 192 13.77 6.43 -9.33
N SER B 193 13.63 6.67 -10.61
CA SER B 193 14.84 6.55 -11.43
C SER B 193 15.81 7.63 -10.97
N LEU B 194 17.05 7.24 -10.68
CA LEU B 194 18.08 8.16 -10.31
C LEU B 194 18.31 9.28 -11.31
N HIS B 195 18.27 8.97 -12.58
CA HIS B 195 18.58 9.94 -13.58
CA HIS B 195 18.54 9.98 -13.58
C HIS B 195 17.40 10.97 -13.66
N LEU B 196 16.18 10.58 -13.36
CA LEU B 196 15.06 11.57 -13.36
C LEU B 196 15.24 12.45 -12.16
N VAL B 197 15.45 11.78 -11.03
CA VAL B 197 15.47 12.45 -9.75
C VAL B 197 16.56 13.52 -9.77
N HIS B 198 17.69 13.19 -10.36
CA HIS B 198 18.81 14.13 -10.50
C HIS B 198 18.45 15.34 -11.37
N ASP B 199 17.61 15.11 -12.36
CA ASP B 199 17.29 16.15 -13.34
C ASP B 199 16.67 17.32 -12.60
N TRP B 200 15.85 17.01 -11.60
CA TRP B 200 15.22 18.06 -10.82
C TRP B 200 16.30 18.95 -10.20
N ASN B 201 17.39 18.34 -9.73
CA ASN B 201 18.50 19.10 -9.18
C ASN B 201 18.93 20.18 -10.17
N ARG B 202 18.89 19.85 -11.46
CA ARG B 202 19.25 20.79 -12.52
C ARG B 202 18.31 21.99 -12.56
N GLU B 203 17.02 21.75 -12.41
CA GLU B 203 16.05 22.87 -12.30
C GLU B 203 16.35 23.74 -11.10
N PHE B 204 16.66 23.09 -9.99
CA PHE B 204 16.88 23.79 -8.77
C PHE B 204 18.12 24.68 -8.81
N VAL B 205 19.20 24.23 -9.46
CA VAL B 205 20.41 25.04 -9.67
C VAL B 205 20.13 26.25 -10.52
N ARG B 206 19.40 26.08 -11.61
CA ARG B 206 18.93 27.20 -12.46
C ARG B 206 18.11 28.19 -11.70
N THR B 207 17.08 27.75 -11.01
CA THR B 207 16.12 28.70 -10.39
C THR B 207 16.40 29.12 -8.91
N SER B 208 17.44 28.61 -8.30
CA SER B 208 17.85 29.10 -6.98
C SER B 208 18.67 30.34 -7.20
N PRO B 209 18.48 31.34 -6.35
CA PRO B 209 19.37 32.46 -6.47
C PRO B 209 20.75 32.15 -6.00
N ALA B 210 21.00 31.06 -5.29
CA ALA B 210 22.38 30.64 -4.94
C ALA B 210 22.92 29.51 -5.85
N GLY B 211 22.33 29.38 -7.03
CA GLY B 211 22.63 28.28 -7.92
C GLY B 211 24.08 28.23 -8.31
N ALA B 212 24.72 29.37 -8.57
CA ALA B 212 26.16 29.33 -8.88
C ALA B 212 26.90 28.59 -7.82
N ARG B 213 26.37 28.64 -6.60
CA ARG B 213 27.04 28.09 -5.45
C ARG B 213 27.02 26.58 -5.51
N TYR B 214 25.92 26.05 -6.03
CA TYR B 214 25.74 24.61 -6.08
C TYR B 214 25.99 23.98 -7.41
N GLU B 215 26.40 24.75 -8.38
CA GLU B 215 26.48 24.26 -9.73
C GLU B 215 27.57 23.22 -9.89
N ALA B 216 28.73 23.45 -9.29
CA ALA B 216 29.83 22.57 -9.56
C ALA B 216 29.50 21.14 -8.98
N LEU B 217 28.88 21.10 -7.79
CA LEU B 217 28.57 19.83 -7.21
C LEU B 217 27.47 19.18 -8.02
N ALA B 218 26.50 19.95 -8.48
CA ALA B 218 25.41 19.33 -9.23
C ALA B 218 25.92 18.73 -10.55
N THR B 219 26.84 19.41 -11.23
CA THR B 219 27.46 18.90 -12.44
C THR B 219 28.31 17.64 -12.15
N GLU B 220 29.02 17.64 -11.05
CA GLU B 220 29.79 16.44 -10.68
C GLU B 220 28.89 15.19 -10.42
N ILE B 221 27.76 15.40 -9.78
CA ILE B 221 26.80 14.35 -9.58
C ILE B 221 26.25 13.88 -10.93
N ASP B 222 25.90 14.84 -11.78
CA ASP B 222 25.38 14.50 -13.10
C ASP B 222 26.42 13.62 -13.85
N ARG B 223 27.69 14.01 -13.74
CA ARG B 223 28.75 13.24 -14.34
C ARG B 223 28.92 11.89 -13.80
N GLY B 224 28.72 11.74 -12.51
CA GLY B 224 28.75 10.45 -11.88
C GLY B 224 27.65 9.53 -12.31
N LEU B 225 26.47 10.13 -12.50
CA LEU B 225 25.37 9.39 -12.96
C LEU B 225 25.54 8.90 -14.40
N ARG B 226 26.02 9.79 -15.27
CA ARG B 226 26.27 9.46 -16.66
C ARG B 226 27.34 8.37 -16.73
N PHE B 227 28.34 8.50 -15.87
CA PHE B 227 29.43 7.55 -15.82
C PHE B 227 28.89 6.16 -15.49
N MET B 228 27.95 6.10 -14.56
CA MET B 228 27.32 4.86 -14.16
C MET B 228 26.56 4.23 -15.34
N SER B 229 25.83 5.07 -16.06
CA SER B 229 25.12 4.64 -17.25
C SER B 229 26.08 4.19 -18.34
N ALA B 230 27.17 4.96 -18.48
CA ALA B 230 28.22 4.67 -19.47
C ALA B 230 28.88 3.27 -19.23
N CYS B 231 29.01 2.88 -17.99
CA CYS B 231 29.50 1.52 -17.69
C CYS B 231 28.49 0.35 -17.87
N GLY B 232 27.27 0.60 -18.35
CA GLY B 232 26.26 -0.44 -18.65
C GLY B 232 25.26 -0.62 -17.53
N VAL B 233 25.24 0.23 -16.51
CA VAL B 233 24.24 0.13 -15.45
C VAL B 233 22.96 0.82 -15.85
N ALA B 234 21.89 0.08 -16.08
CA ALA B 234 20.58 0.67 -16.33
C ALA B 234 19.69 0.54 -15.07
N ASP B 235 18.58 1.26 -15.06
CA ASP B 235 17.74 1.38 -13.87
C ASP B 235 17.23 0.04 -13.38
N ARG B 236 16.93 -0.87 -14.32
CA ARG B 236 16.30 -2.15 -13.98
C ARG B 236 17.18 -3.01 -13.07
N ASN B 237 18.47 -3.02 -13.32
CA ASN B 237 19.40 -3.83 -12.53
C ASN B 237 19.48 -3.40 -11.06
N LEU B 238 19.48 -2.08 -10.84
CA LEU B 238 19.59 -1.48 -9.49
C LEU B 238 18.48 -2.03 -8.64
N GLN B 239 18.70 -2.01 -7.34
CA GLN B 239 17.65 -2.23 -6.35
C GLN B 239 16.51 -1.22 -6.55
N THR B 240 15.27 -1.66 -6.48
CA THR B 240 14.13 -0.71 -6.42
C THR B 240 14.37 0.16 -5.20
N ALA B 241 13.97 1.43 -5.32
CA ALA B 241 14.16 2.39 -4.28
C ALA B 241 13.28 1.91 -3.08
N GLU B 242 13.78 2.12 -1.86
CA GLU B 242 13.10 1.75 -0.63
C GLU B 242 13.00 2.95 0.19
N ILE B 243 11.79 3.33 0.52
CA ILE B 243 11.58 4.40 1.45
C ILE B 243 10.80 3.79 2.59
N TYR B 244 11.33 3.92 3.80
CA TYR B 244 10.65 3.36 4.97
C TYR B 244 9.83 4.42 5.65
N ALA B 245 8.94 4.00 6.51
CA ALA B 245 8.02 4.85 7.18
C ALA B 245 8.37 4.93 8.65
N SER B 246 8.17 6.13 9.17
CA SER B 246 8.44 6.35 10.59
C SER B 246 7.52 7.45 11.12
N HIS B 247 7.28 7.42 12.42
CA HIS B 247 6.75 8.52 13.13
C HIS B 247 7.17 8.40 14.63
N GLU B 248 6.82 9.42 15.39
CA GLU B 248 7.05 9.41 16.78
C GLU B 248 6.01 8.53 17.38
N ALA B 249 6.44 7.46 18.06
CA ALA B 249 5.53 6.64 18.86
C ALA B 249 5.08 7.39 20.09
N LEU B 250 3.90 8.06 19.98
CA LEU B 250 3.43 8.95 21.02
C LEU B 250 2.19 8.37 21.62
N VAL B 251 1.18 8.07 20.74
CA VAL B 251 -0.11 7.63 21.19
C VAL B 251 -0.16 6.13 21.42
N LEU B 252 -0.07 5.78 22.70
CA LEU B 252 0.13 4.39 23.02
C LEU B 252 -1.08 3.52 22.73
N ASP B 253 -2.24 4.10 22.77
CA ASP B 253 -3.43 3.40 22.30
C ASP B 253 -3.37 2.97 20.84
N TYR B 254 -2.78 3.81 20.00
CA TYR B 254 -2.56 3.53 18.58
C TYR B 254 -1.47 2.44 18.45
N GLU B 255 -0.32 2.67 19.12
CA GLU B 255 0.81 1.78 18.87
C GLU B 255 0.57 0.38 19.38
N ARG B 256 -0.04 0.20 20.54
CA ARG B 256 -0.37 -1.16 21.00
C ARG B 256 -1.39 -1.89 20.13
N ALA B 257 -2.38 -1.17 19.60
CA ALA B 257 -3.33 -1.80 18.70
C ALA B 257 -2.69 -2.23 17.41
N MET B 258 -1.55 -1.64 17.00
CA MET B 258 -0.90 -1.98 15.72
C MET B 258 0.23 -3.05 15.89
N LEU B 259 0.33 -3.59 17.11
CA LEU B 259 1.30 -4.66 17.33
C LEU B 259 0.79 -5.93 16.65
N ARG B 260 1.75 -6.64 16.06
CA ARG B 260 1.55 -7.96 15.50
C ARG B 260 2.68 -8.88 15.94
N LEU B 261 2.34 -10.14 16.16
CA LEU B 261 3.25 -11.20 16.59
C LEU B 261 3.79 -11.88 15.40
N SER B 262 5.11 -12.05 15.33
CA SER B 262 5.76 -12.58 14.13
C SER B 262 6.95 -13.52 14.34
N ASP B 263 7.17 -14.38 13.34
CA ASP B 263 8.27 -15.35 13.30
C ASP B 263 9.61 -14.82 12.78
N GLY B 264 10.64 -15.66 12.87
CA GLY B 264 11.97 -15.39 12.32
C GLY B 264 12.99 -14.78 13.27
N ASP B 265 14.23 -14.63 12.79
CA ASP B 265 15.29 -14.16 13.67
C ASP B 265 15.59 -15.16 14.78
N ASP B 266 15.81 -16.41 14.42
CA ASP B 266 16.03 -17.47 15.40
C ASP B 266 14.75 -18.20 15.80
N GLY B 267 13.63 -17.79 15.21
CA GLY B 267 12.39 -18.55 15.28
C GLY B 267 11.53 -18.37 16.51
N GLU B 268 11.96 -17.51 17.42
CA GLU B 268 11.16 -17.13 18.57
C GLU B 268 10.16 -16.01 18.26
N PRO B 269 8.98 -16.11 18.86
CA PRO B 269 7.96 -15.12 18.56
C PRO B 269 8.42 -13.72 18.99
N GLN B 270 8.17 -12.69 18.18
CA GLN B 270 8.45 -11.34 18.55
C GLN B 270 7.32 -10.43 18.21
N LEU B 271 7.20 -9.36 18.96
CA LEU B 271 6.28 -8.33 18.65
C LEU B 271 6.88 -7.28 17.81
N PHE B 272 6.19 -7.00 16.72
CA PHE B 272 6.50 -5.85 15.86
C PHE B 272 5.37 -4.82 15.89
N ASP B 273 5.70 -3.54 16.01
CA ASP B 273 4.78 -2.45 15.78
C ASP B 273 4.67 -2.28 14.25
N LEU B 274 3.53 -2.74 13.68
CA LEU B 274 3.32 -2.73 12.24
C LEU B 274 2.62 -1.45 11.81
N SER B 275 2.69 -0.39 12.63
CA SER B 275 2.21 0.94 12.19
C SER B 275 3.29 1.77 11.40
N ALA B 276 4.46 1.25 11.28
CA ALA B 276 5.60 1.91 10.77
C ALA B 276 6.72 0.90 10.66
N HIS B 277 7.83 1.33 10.05
CA HIS B 277 9.07 0.56 10.09
C HIS B 277 9.94 0.85 11.28
N THR B 278 10.16 2.11 11.61
CA THR B 278 10.89 2.47 12.76
C THR B 278 10.13 3.58 13.45
N VAL B 279 10.24 3.67 14.79
CA VAL B 279 9.65 4.81 15.53
C VAL B 279 10.65 5.46 16.45
N TRP B 280 10.37 6.73 16.87
CA TRP B 280 11.23 7.35 17.82
C TRP B 280 10.43 7.79 19.03
N ILE B 281 11.16 8.08 20.10
CA ILE B 281 10.61 8.59 21.41
C ILE B 281 11.12 9.96 21.58
N GLY B 282 10.19 10.93 21.71
CA GLY B 282 10.62 12.29 21.78
C GLY B 282 11.13 12.68 23.15
N GLU B 283 11.59 13.92 23.23
CA GLU B 283 12.21 14.42 24.46
C GLU B 283 11.24 14.39 25.64
N ARG B 284 9.99 14.76 25.39
CA ARG B 284 8.97 14.78 26.43
C ARG B 284 8.63 13.42 27.03
N THR B 285 8.58 12.39 26.18
CA THR B 285 8.11 11.06 26.58
C THR B 285 9.21 10.05 26.92
N ARG B 286 10.46 10.49 26.94
CA ARG B 286 11.60 9.57 27.12
C ARG B 286 11.98 9.21 28.56
N GLN B 287 11.07 9.42 29.47
CA GLN B 287 11.24 9.01 30.83
C GLN B 287 11.80 7.58 30.94
N ILE B 288 12.87 7.44 31.70
CA ILE B 288 13.65 6.19 31.61
C ILE B 288 12.82 5.04 32.16
N ASP B 289 12.01 5.31 33.16
CA ASP B 289 11.03 4.27 33.65
C ASP B 289 9.59 4.41 33.16
N GLY B 290 9.38 5.18 32.11
CA GLY B 290 8.00 5.53 31.59
C GLY B 290 7.56 4.47 30.64
N ALA B 291 6.31 4.55 30.20
CA ALA B 291 5.75 3.55 29.33
C ALA B 291 6.35 3.57 27.93
N HIS B 292 6.80 4.72 27.43
CA HIS B 292 7.29 4.76 26.05
C HIS B 292 8.56 3.96 25.84
N ILE B 293 9.51 4.12 26.75
CA ILE B 293 10.78 3.47 26.68
C ILE B 293 10.58 2.02 26.93
N ALA B 294 9.77 1.70 27.97
CA ALA B 294 9.45 0.25 28.26
C ALA B 294 8.73 -0.35 27.05
N PHE B 295 7.81 0.35 26.46
CA PHE B 295 7.20 -0.15 25.16
C PHE B 295 8.24 -0.39 24.09
N ALA B 296 9.14 0.52 23.92
CA ALA B 296 10.21 0.32 22.92
C ALA B 296 11.07 -0.88 23.22
N GLN B 297 11.15 -1.31 24.48
CA GLN B 297 12.00 -2.46 24.82
C GLN B 297 11.31 -3.71 24.42
N VAL B 298 9.98 -3.63 24.22
CA VAL B 298 9.24 -4.89 23.95
C VAL B 298 9.14 -5.12 22.45
N ILE B 299 9.23 -4.08 21.65
CA ILE B 299 9.06 -4.27 20.18
C ILE B 299 10.31 -4.57 19.47
N ALA B 300 10.19 -5.20 18.32
CA ALA B 300 11.43 -5.59 17.64
C ALA B 300 11.84 -4.56 16.65
N ASN B 301 11.09 -3.50 16.42
CA ASN B 301 11.47 -2.50 15.41
C ASN B 301 12.70 -1.66 15.80
N PRO B 302 13.49 -1.20 14.83
CA PRO B 302 14.49 -0.18 15.18
C PRO B 302 13.85 1.04 15.78
N VAL B 303 14.52 1.62 16.78
CA VAL B 303 13.97 2.72 17.44
C VAL B 303 15.01 3.81 17.57
N GLY B 304 14.54 5.01 17.81
CA GLY B 304 15.36 6.16 18.08
C GLY B 304 14.91 6.87 19.35
N VAL B 305 15.84 7.60 19.96
CA VAL B 305 15.54 8.49 21.11
C VAL B 305 16.10 9.87 20.90
N LYS B 306 15.26 10.88 21.08
CA LYS B 306 15.68 12.27 20.96
C LYS B 306 16.42 12.71 22.23
N LEU B 307 17.62 13.26 22.04
CA LEU B 307 18.49 13.73 23.13
C LEU B 307 18.74 15.25 23.03
N GLY B 308 18.17 16.00 23.96
CA GLY B 308 18.28 17.44 23.94
C GLY B 308 19.35 17.88 24.91
N PRO B 309 19.47 19.20 25.10
CA PRO B 309 20.59 19.79 25.81
C PRO B 309 20.71 19.50 27.30
N ASN B 310 19.75 18.93 27.97
CA ASN B 310 20.06 18.51 29.34
C ASN B 310 20.45 17.07 29.46
N MET B 311 20.73 16.42 28.32
CA MET B 311 21.15 15.01 28.39
C MET B 311 22.54 14.91 29.00
N THR B 312 22.78 13.83 29.73
CA THR B 312 24.08 13.60 30.29
C THR B 312 24.59 12.35 29.70
N PRO B 313 25.93 12.20 29.72
CA PRO B 313 26.53 11.02 29.18
C PRO B 313 25.97 9.74 29.83
N GLU B 314 25.85 9.72 31.16
CA GLU B 314 25.27 8.60 31.91
C GLU B 314 23.87 8.18 31.57
N LEU B 315 22.96 9.14 31.42
CA LEU B 315 21.61 8.77 31.07
C LEU B 315 21.63 8.20 29.63
N ALA B 316 22.37 8.83 28.72
CA ALA B 316 22.53 8.26 27.34
C ALA B 316 22.96 6.79 27.39
N VAL B 317 24.02 6.46 28.15
CA VAL B 317 24.43 5.06 28.35
C VAL B 317 23.26 4.17 28.85
N GLU B 318 22.54 4.64 29.82
CA GLU B 318 21.41 3.85 30.30
C GLU B 318 20.32 3.60 29.18
N TYR B 319 20.00 4.61 28.37
CA TYR B 319 19.20 4.43 27.15
C TYR B 319 19.78 3.31 26.26
N VAL B 320 21.06 3.40 25.96
CA VAL B 320 21.70 2.37 25.22
C VAL B 320 21.61 0.95 25.85
N GLU B 321 21.81 0.85 27.15
CA GLU B 321 21.79 -0.49 27.80
C GLU B 321 20.39 -1.06 27.82
N ARG B 322 19.41 -0.16 27.94
CA ARG B 322 17.99 -0.61 28.03
C ARG B 322 17.40 -0.94 26.68
N LEU B 323 17.79 -0.18 25.64
CA LEU B 323 17.19 -0.32 24.33
C LEU B 323 17.98 -1.15 23.33
N ASP B 324 19.28 -1.32 23.58
CA ASP B 324 20.14 -2.13 22.73
C ASP B 324 20.83 -3.22 23.59
N PRO B 325 20.02 -4.01 24.33
CA PRO B 325 20.58 -4.88 25.35
C PRO B 325 21.33 -6.08 24.81
N HIS B 326 21.03 -6.47 23.59
CA HIS B 326 21.70 -7.57 22.90
C HIS B 326 22.85 -7.09 22.04
N ASN B 327 23.13 -5.81 22.05
CA ASN B 327 24.21 -5.26 21.21
C ASN B 327 24.03 -5.56 19.72
N LYS B 328 22.95 -5.03 19.14
CA LYS B 328 22.64 -5.26 17.72
C LYS B 328 22.85 -3.95 17.00
N PRO B 329 23.92 -3.84 16.27
CA PRO B 329 24.15 -2.60 15.59
C PRO B 329 22.92 -2.11 14.78
N GLY B 330 22.57 -0.86 14.94
CA GLY B 330 21.40 -0.36 14.23
C GLY B 330 20.10 -0.39 14.91
N ARG B 331 20.00 -1.17 16.00
CA ARG B 331 18.76 -1.27 16.71
C ARG B 331 18.39 0.10 17.29
N LEU B 332 19.36 0.88 17.71
CA LEU B 332 19.08 2.12 18.35
C LEU B 332 19.81 3.27 17.68
N THR B 333 19.12 4.42 17.60
CA THR B 333 19.63 5.63 17.02
C THR B 333 19.41 6.63 18.10
N LEU B 334 20.46 7.38 18.39
CA LEU B 334 20.43 8.51 19.29
C LEU B 334 20.44 9.79 18.44
N VAL B 335 19.40 10.62 18.61
CA VAL B 335 19.16 11.78 17.84
C VAL B 335 19.48 13.03 18.68
N SER B 336 20.54 13.69 18.26
CA SER B 336 21.07 14.84 18.93
C SER B 336 20.25 16.05 18.51
N ARG B 337 19.67 16.78 19.47
CA ARG B 337 18.98 18.07 19.13
C ARG B 337 19.28 19.11 20.20
N MET B 338 20.41 19.77 20.01
CA MET B 338 21.09 20.52 21.03
C MET B 338 20.97 22.03 20.85
N GLY B 339 20.70 22.48 19.61
CA GLY B 339 20.86 23.89 19.21
C GLY B 339 22.25 24.11 18.67
N ASN B 340 22.41 25.04 17.75
CA ASN B 340 23.73 25.18 17.10
C ASN B 340 24.82 25.80 17.99
N HIS B 341 24.39 26.64 18.90
CA HIS B 341 25.30 27.30 19.85
C HIS B 341 25.76 26.27 20.87
N LYS B 342 25.07 25.13 21.04
CA LYS B 342 25.47 24.19 22.08
C LYS B 342 25.98 22.85 21.63
N VAL B 343 25.76 22.48 20.38
CA VAL B 343 26.08 21.13 20.02
C VAL B 343 27.56 20.80 20.16
N ARG B 344 28.44 21.76 19.85
CA ARG B 344 29.90 21.52 19.97
C ARG B 344 30.35 21.24 21.36
N ASP B 345 29.69 21.79 22.36
CA ASP B 345 30.10 21.56 23.78
C ASP B 345 29.41 20.35 24.36
N LEU B 346 28.12 20.16 24.07
CA LEU B 346 27.31 19.16 24.77
C LEU B 346 27.47 17.75 24.20
N LEU B 347 27.66 17.63 22.87
CA LEU B 347 27.71 16.29 22.27
C LEU B 347 28.97 15.46 22.56
N PRO B 348 30.17 16.06 22.54
CA PRO B 348 31.35 15.17 22.66
C PRO B 348 31.31 14.21 23.82
N PRO B 349 31.01 14.65 25.08
CA PRO B 349 31.15 13.65 26.16
C PRO B 349 30.07 12.60 26.15
N ILE B 350 28.87 12.92 25.62
CA ILE B 350 27.89 11.90 25.41
C ILE B 350 28.44 10.89 24.46
N VAL B 351 29.02 11.36 23.34
CA VAL B 351 29.46 10.43 22.31
C VAL B 351 30.57 9.56 22.87
N GLU B 352 31.54 10.19 23.54
CA GLU B 352 32.67 9.42 24.10
C GLU B 352 32.18 8.31 25.02
N LYS B 353 31.27 8.66 25.91
CA LYS B 353 30.85 7.67 26.88
C LYS B 353 30.09 6.52 26.28
N VAL B 354 29.23 6.85 25.33
CA VAL B 354 28.46 5.81 24.64
C VAL B 354 29.39 4.97 23.78
N GLN B 355 30.25 5.58 23.04
CA GLN B 355 31.27 4.75 22.33
C GLN B 355 32.01 3.79 23.24
N ALA B 356 32.31 4.16 24.46
CA ALA B 356 33.17 3.23 25.28
C ALA B 356 32.39 2.01 25.78
N THR B 357 31.03 2.02 25.72
CA THR B 357 30.26 0.84 26.07
C THR B 357 30.47 -0.35 25.07
N GLY B 358 30.99 -0.12 23.88
CA GLY B 358 31.06 -1.23 22.91
C GLY B 358 29.75 -1.29 22.07
N HIS B 359 28.72 -0.53 22.40
CA HIS B 359 27.54 -0.65 21.54
C HIS B 359 27.66 0.19 20.27
N GLN B 360 27.05 -0.19 19.17
CA GLN B 360 27.17 0.62 17.99
C GLN B 360 25.83 1.26 17.69
N VAL B 361 25.62 2.46 18.14
CA VAL B 361 24.41 3.18 17.81
C VAL B 361 24.61 4.05 16.56
N ILE B 362 23.52 4.52 15.99
CA ILE B 362 23.58 5.50 14.99
C ILE B 362 23.46 6.84 15.63
N TRP B 363 24.40 7.74 15.31
CA TRP B 363 24.40 9.13 15.73
C TRP B 363 23.74 9.94 14.64
N GLN B 364 22.61 10.53 15.00
CA GLN B 364 21.82 11.24 14.01
C GLN B 364 21.58 12.66 14.51
N CYS B 365 21.74 13.61 13.61
CA CYS B 365 21.58 14.97 13.96
C CYS B 365 20.17 15.44 13.57
N ASP B 366 19.45 16.01 14.52
CA ASP B 366 18.21 16.74 14.26
C ASP B 366 18.51 18.16 14.54
N PRO B 367 18.75 18.93 13.49
CA PRO B 367 19.21 20.30 13.72
C PRO B 367 18.05 21.28 13.78
N MET B 368 16.82 20.78 13.84
CA MET B 368 15.66 21.67 13.81
C MET B 368 15.19 22.04 15.19
N HIS B 369 15.07 21.02 16.06
CA HIS B 369 14.24 21.16 17.29
C HIS B 369 14.92 21.97 18.32
N GLY B 370 16.21 22.18 18.16
CA GLY B 370 17.00 22.91 19.15
C GLY B 370 17.12 24.36 18.75
N ASN B 371 16.68 24.68 17.54
CA ASN B 371 16.90 25.98 16.89
C ASN B 371 15.59 26.69 16.48
N THR B 372 14.60 26.66 17.36
CA THR B 372 13.32 27.36 17.11
C THR B 372 13.26 28.73 17.78
N HIS B 373 12.46 29.63 17.22
CA HIS B 373 12.04 30.87 17.94
C HIS B 373 10.78 31.46 17.32
N GLU B 374 9.97 32.12 18.15
CA GLU B 374 8.81 32.88 17.67
C GLU B 374 9.37 34.15 17.01
N SER B 375 8.75 34.59 15.90
CA SER B 375 9.19 35.80 15.18
C SER B 375 8.45 37.06 15.66
N SER B 376 9.02 38.23 15.34
CA SER B 376 8.38 39.54 15.64
C SER B 376 7.01 39.67 14.98
N THR B 377 6.79 38.92 13.90
CA THR B 377 5.54 38.93 13.15
C THR B 377 4.49 37.91 13.65
N GLY B 378 4.85 37.04 14.61
CA GLY B 378 3.89 36.10 15.24
C GLY B 378 4.09 34.60 14.99
N PHE B 379 4.70 34.23 13.86
CA PHE B 379 4.83 32.83 13.47
C PHE B 379 6.09 32.23 14.08
N LYS B 380 5.92 31.09 14.76
CA LYS B 380 7.04 30.20 15.09
C LYS B 380 7.96 29.90 13.84
N THR B 381 9.27 29.91 14.06
CA THR B 381 10.20 29.92 12.95
C THR B 381 11.64 29.55 13.35
N ARG B 382 12.45 29.29 12.34
CA ARG B 382 13.80 28.79 12.52
C ARG B 382 14.64 29.47 11.47
N HIS B 383 15.86 29.84 11.82
CA HIS B 383 16.76 30.31 10.83
C HIS B 383 17.55 29.15 10.24
N PHE B 384 17.50 29.12 8.92
CA PHE B 384 18.26 28.28 8.06
C PHE B 384 19.73 28.22 8.43
N ASP B 385 20.34 29.34 8.68
CA ASP B 385 21.77 29.31 9.07
C ASP B 385 22.07 28.58 10.36
N ARG B 386 21.17 28.64 11.31
CA ARG B 386 21.37 27.96 12.57
C ARG B 386 21.21 26.45 12.35
N ILE B 387 20.25 26.11 11.50
CA ILE B 387 20.10 24.71 11.15
C ILE B 387 21.34 24.17 10.55
N VAL B 388 21.88 24.89 9.59
CA VAL B 388 23.08 24.41 8.90
C VAL B 388 24.23 24.33 9.88
N ASP B 389 24.37 25.35 10.70
CA ASP B 389 25.42 25.37 11.71
C ASP B 389 25.35 24.21 12.77
N GLU B 390 24.14 23.81 13.19
CA GLU B 390 24.07 22.63 14.05
C GLU B 390 24.61 21.41 13.37
N VAL B 391 24.25 21.22 12.09
CA VAL B 391 24.73 20.03 11.39
C VAL B 391 26.25 20.11 11.27
N GLN B 392 26.73 21.29 10.87
CA GLN B 392 28.19 21.52 10.83
C GLN B 392 28.86 21.18 12.19
N GLY B 393 28.33 21.67 13.29
CA GLY B 393 28.89 21.32 14.57
C GLY B 393 28.94 19.86 14.90
N PHE B 394 27.86 19.19 14.56
CA PHE B 394 27.70 17.76 14.69
C PHE B 394 28.79 17.05 13.97
N PHE B 395 29.01 17.42 12.72
CA PHE B 395 30.13 16.81 11.97
C PHE B 395 31.50 17.11 12.63
N GLU B 396 31.76 18.35 13.02
CA GLU B 396 33.04 18.58 13.78
C GLU B 396 33.19 17.63 14.98
N VAL B 397 32.13 17.44 15.74
CA VAL B 397 32.25 16.64 16.94
C VAL B 397 32.74 15.22 16.57
N HIS B 398 32.16 14.62 15.53
CA HIS B 398 32.48 13.25 15.18
C HIS B 398 33.84 13.16 14.51
N ARG B 399 34.15 14.15 13.72
CA ARG B 399 35.45 14.15 13.08
C ARG B 399 36.55 14.28 14.16
N ALA B 400 36.40 15.11 15.17
CA ALA B 400 37.43 15.21 16.19
C ALA B 400 37.53 13.91 16.96
N LEU B 401 36.43 13.19 17.07
CA LEU B 401 36.48 11.92 17.80
C LEU B 401 36.73 10.71 16.93
N GLY B 402 36.71 10.84 15.61
CA GLY B 402 36.82 9.67 14.74
C GLY B 402 35.60 8.75 14.82
N THR B 403 34.46 9.27 15.21
CA THR B 403 33.21 8.48 15.21
C THR B 403 32.38 8.80 13.93
N HIS B 404 31.30 8.07 13.68
CA HIS B 404 30.58 8.24 12.41
C HIS B 404 29.42 9.21 12.60
N PRO B 405 29.45 10.33 11.87
CA PRO B 405 28.24 11.11 11.81
C PRO B 405 27.24 10.41 10.93
N GLY B 406 26.25 9.76 11.52
CA GLY B 406 25.49 8.79 10.80
C GLY B 406 24.27 9.18 10.05
N GLY B 407 23.74 10.39 10.31
CA GLY B 407 22.56 10.76 9.70
C GLY B 407 22.01 12.09 10.09
N ILE B 408 20.92 12.45 9.42
CA ILE B 408 20.13 13.61 9.79
C ILE B 408 18.60 13.29 9.80
N HIS B 409 17.90 14.11 10.55
CA HIS B 409 16.51 13.95 10.80
C HIS B 409 15.99 15.35 10.62
N VAL B 410 15.29 15.61 9.53
CA VAL B 410 14.83 16.95 9.26
C VAL B 410 13.33 16.98 9.03
N GLU B 411 12.76 18.13 9.24
CA GLU B 411 11.38 18.42 8.81
C GLU B 411 11.38 19.25 7.57
N ILE B 412 10.71 18.68 6.53
CA ILE B 412 10.75 19.23 5.19
C ILE B 412 9.43 19.05 4.49
N THR B 413 9.30 19.76 3.40
CA THR B 413 8.24 19.53 2.49
C THR B 413 8.61 19.85 1.02
N GLY B 414 7.98 19.09 0.13
CA GLY B 414 8.16 19.27 -1.26
C GLY B 414 7.33 20.42 -1.81
N GLU B 415 6.68 21.21 -0.98
CA GLU B 415 6.04 22.47 -1.42
C GLU B 415 6.90 23.75 -1.15
N ASN B 416 6.62 24.78 -1.93
CA ASN B 416 7.25 26.10 -1.74
C ASN B 416 6.61 26.95 -0.60
N VAL B 417 6.67 26.39 0.61
CA VAL B 417 6.31 27.06 1.85
C VAL B 417 7.37 28.08 2.30
N THR B 418 6.95 29.03 3.11
CA THR B 418 7.82 30.10 3.61
C THR B 418 8.24 29.95 5.08
N GLU B 419 8.07 28.76 5.65
CA GLU B 419 8.16 28.56 7.10
C GLU B 419 9.50 28.89 7.79
N CYS B 420 10.63 28.53 7.21
CA CYS B 420 11.91 28.84 7.83
C CYS B 420 12.52 30.09 7.20
N LEU B 421 13.08 30.92 8.06
CA LEU B 421 13.82 32.11 7.65
C LEU B 421 15.07 31.76 6.86
N GLY B 422 15.40 32.56 5.86
CA GLY B 422 16.71 32.47 5.23
C GLY B 422 16.73 31.51 4.04
N GLY B 423 17.86 30.82 3.89
CA GLY B 423 18.16 30.11 2.64
C GLY B 423 18.58 31.07 1.51
N ALA B 424 18.80 30.50 0.34
CA ALA B 424 19.13 31.26 -0.86
C ALA B 424 17.98 32.21 -1.30
N GLN B 425 16.73 31.84 -1.03
CA GLN B 425 15.57 32.70 -1.30
C GLN B 425 15.43 33.87 -0.32
N ASP B 426 16.21 33.84 0.76
CA ASP B 426 16.22 34.85 1.82
C ASP B 426 14.83 35.18 2.38
N ILE B 427 14.14 34.14 2.79
CA ILE B 427 12.82 34.27 3.36
C ILE B 427 12.90 35.15 4.65
N SER B 428 12.07 36.20 4.70
CA SER B 428 12.04 37.15 5.81
C SER B 428 10.78 36.95 6.68
N GLU B 429 10.84 37.52 7.88
CA GLU B 429 9.74 37.52 8.83
C GLU B 429 8.44 38.00 8.18
N THR B 430 8.59 38.99 7.30
CA THR B 430 7.48 39.53 6.53
C THR B 430 7.01 38.51 5.48
N ASP B 431 7.96 37.79 4.88
CA ASP B 431 7.67 36.73 3.91
C ASP B 431 6.89 35.56 4.50
N LEU B 432 7.20 35.22 5.75
CA LEU B 432 6.67 34.02 6.39
C LEU B 432 5.15 34.02 6.49
N ALA B 433 4.57 35.18 6.77
CA ALA B 433 3.13 35.29 6.96
C ALA B 433 2.35 34.87 5.72
N GLY B 434 2.88 35.21 4.55
CA GLY B 434 2.20 34.95 3.30
C GLY B 434 1.96 33.50 2.97
N ARG B 435 2.94 32.64 3.24
CA ARG B 435 2.79 31.21 2.98
C ARG B 435 3.22 30.31 4.14
N TYR B 436 2.42 30.27 5.20
CA TYR B 436 2.68 29.36 6.30
C TYR B 436 1.63 28.25 6.24
N GLU B 437 2.09 27.03 5.95
CA GLU B 437 1.15 25.92 5.76
C GLU B 437 1.28 24.77 6.77
N THR B 438 2.20 24.88 7.71
CA THR B 438 2.41 23.76 8.66
C THR B 438 1.29 23.70 9.75
N ALA B 439 0.93 22.48 10.16
CA ALA B 439 0.06 22.29 11.33
C ALA B 439 0.87 22.30 12.67
N CYS B 440 2.17 22.52 12.61
CA CYS B 440 2.96 22.55 13.81
C CYS B 440 4.25 23.39 13.55
N ASP B 441 5.42 22.78 13.64
CA ASP B 441 6.70 23.46 13.42
C ASP B 441 6.96 23.82 11.94
N PRO B 442 7.79 24.84 11.72
CA PRO B 442 8.16 25.26 10.36
C PRO B 442 9.15 24.26 9.71
N ARG B 443 8.79 23.83 8.51
CA ARG B 443 9.58 22.92 7.73
C ARG B 443 10.40 23.69 6.73
N LEU B 444 11.59 23.19 6.42
CA LEU B 444 12.29 23.66 5.27
C LEU B 444 11.45 23.40 4.01
N ASN B 445 11.37 24.38 3.10
CA ASN B 445 10.67 24.12 1.86
C ASN B 445 11.50 23.27 0.89
N THR B 446 10.97 23.06 -0.30
CA THR B 446 11.69 22.30 -1.31
C THR B 446 13.10 22.83 -1.51
N GLN B 447 13.20 24.13 -1.78
CA GLN B 447 14.49 24.72 -2.08
C GLN B 447 15.44 24.58 -0.92
N GLN B 448 14.98 24.85 0.30
CA GLN B 448 15.91 24.87 1.45
C GLN B 448 16.36 23.47 1.86
N SER B 449 15.52 22.49 1.63
CA SER B 449 15.86 21.16 2.02
C SER B 449 16.89 20.64 0.99
N LEU B 450 16.70 20.98 -0.26
CA LEU B 450 17.73 20.69 -1.21
C LEU B 450 19.08 21.32 -0.95
N GLU B 451 19.08 22.62 -0.76
CA GLU B 451 20.25 23.35 -0.33
C GLU B 451 20.88 22.76 0.92
N LEU B 452 20.10 22.31 1.87
CA LEU B 452 20.72 21.62 2.99
C LEU B 452 21.42 20.36 2.56
N ALA B 453 20.80 19.60 1.66
CA ALA B 453 21.46 18.38 1.21
C ALA B 453 22.84 18.64 0.56
N PHE B 454 22.93 19.64 -0.31
CA PHE B 454 24.18 20.11 -0.89
C PHE B 454 25.21 20.54 0.12
N LEU B 455 24.82 21.32 1.13
CA LEU B 455 25.76 21.73 2.17
C LEU B 455 26.16 20.54 3.01
N VAL B 456 25.22 19.65 3.29
CA VAL B 456 25.61 18.48 4.03
C VAL B 456 26.56 17.59 3.21
N ALA B 457 26.33 17.50 1.89
CA ALA B 457 27.21 16.70 1.05
C ALA B 457 28.61 17.25 1.11
N GLU B 458 28.73 18.56 1.15
CA GLU B 458 30.11 19.16 1.29
C GLU B 458 30.68 18.82 2.66
N MET B 459 29.87 18.81 3.72
CA MET B 459 30.43 18.49 5.00
C MET B 459 30.87 17.04 4.95
N LEU B 460 30.18 16.21 4.18
CA LEU B 460 30.57 14.83 4.08
C LEU B 460 31.85 14.64 3.24
N ARG B 461 32.03 15.46 2.20
CA ARG B 461 33.21 15.37 1.38
C ARG B 461 34.48 15.85 2.12
N ASP B 462 34.39 16.90 2.95
CA ASP B 462 35.53 17.45 3.73
C ASP B 462 35.84 16.65 5.01
N TYR C . -12.20 -3.73 7.52
CA TYR C . -12.78 -3.21 8.81
C TYR C . -13.98 -2.26 8.49
O TYR C . -14.13 -1.81 7.36
CB TYR C . -11.73 -2.41 9.53
CG TYR C . -11.17 -1.18 8.78
CD1 TYR C . -10.27 -1.30 7.74
CD2 TYR C . -11.38 0.06 9.28
CE1 TYR C . -9.71 -0.20 7.12
CE2 TYR C . -10.83 1.17 8.69
CZ TYR C . -9.99 1.04 7.61
OH TYR C . -9.44 2.19 7.13
OXT TYR C . -14.81 -2.03 9.38
MN MN D . -19.24 -14.57 -8.48
S SO4 E . -21.27 -12.36 -14.42
O1 SO4 E . -21.38 -10.95 -14.88
O2 SO4 E . -20.57 -13.21 -15.42
O3 SO4 E . -20.39 -12.28 -13.23
O4 SO4 E . -22.56 -12.97 -14.26
S SO4 F . -30.08 -12.79 -7.51
O1 SO4 F . -29.31 -12.61 -8.76
O2 SO4 F . -29.15 -12.66 -6.39
O3 SO4 F . -30.47 -14.20 -7.61
O4 SO4 F . -31.25 -11.89 -7.26
C1 GOL G . 5.29 -10.58 -14.84
O1 GOL G . 5.27 -10.12 -13.47
C2 GOL G . 3.89 -11.15 -15.20
O2 GOL G . 2.89 -10.07 -15.06
C3 GOL G . 4.04 -11.76 -16.61
O3 GOL G . 4.28 -10.71 -17.59
CL CL H . 2.85 6.75 -12.52
S SO4 I . -31.79 -2.07 -12.48
O1 SO4 I . -33.20 -2.42 -12.53
O2 SO4 I . -31.00 -2.94 -13.33
O3 SO4 I . -31.74 -0.64 -12.88
O4 SO4 I . -31.30 -2.22 -11.07
C1 GOL J . 2.65 -4.76 -7.36
O1 GOL J . 2.17 -6.12 -6.84
C2 GOL J . 2.47 -4.41 -8.90
O2 GOL J . 2.56 -3.05 -9.50
C3 GOL J . 1.03 -4.63 -9.10
O3 GOL J . 0.42 -3.99 -7.96
MN MN K . 8.47 18.95 14.60
N TYR L . -7.88 12.31 4.26
CA TYR L . -9.41 12.28 4.16
C TYR L . -10.05 11.95 5.50
O TYR L . -9.36 11.73 6.45
CB TYR L . -9.92 11.32 3.11
CG TYR L . -9.72 9.82 3.42
CD1 TYR L . -8.46 9.16 3.27
CD2 TYR L . -10.74 9.10 3.80
CE1 TYR L . -8.36 7.81 3.50
CE2 TYR L . -10.64 7.77 4.04
CZ TYR L . -9.47 7.14 3.89
OH TYR L . -9.61 5.77 4.08
OXT TYR L . -11.26 11.99 5.67
N TYR M . -3.14 -5.49 20.89
CA TYR M . -2.80 -6.23 22.14
C TYR M . -2.81 -5.20 23.24
O TYR M . -2.76 -3.96 23.10
CB TYR M . -1.36 -6.86 21.99
CG TYR M . -1.34 -8.06 21.14
CD1 TYR M . -2.09 -9.15 21.49
CD2 TYR M . -0.73 -8.09 19.91
CE1 TYR M . -2.14 -10.29 20.65
CE2 TYR M . -0.72 -9.23 19.11
CZ TYR M . -1.40 -10.33 19.49
OH TYR M . -1.40 -11.44 18.65
OXT TYR M . -2.89 -5.67 24.37
S SO4 N . 11.42 16.46 20.16
O1 SO4 N . 10.88 15.34 20.93
O2 SO4 N . 10.81 16.63 18.82
O3 SO4 N . 11.47 17.76 20.81
O4 SO4 N . 12.86 16.13 19.93
CL CL O . -2.92 -12.01 24.71
C1 GOL P . 20.53 1.80 1.30
O1 GOL P . 20.88 0.79 2.26
C2 GOL P . 19.05 1.80 0.99
O2 GOL P . 18.18 1.50 2.14
C3 GOL P . 18.79 0.69 -0.03
O3 GOL P . 17.34 0.53 -0.21
S SO4 Q . 4.27 23.68 23.05
O1 SO4 Q . 4.47 24.97 22.33
O2 SO4 Q . 5.35 23.37 24.01
O3 SO4 Q . 4.35 22.60 22.07
O4 SO4 Q . 3.01 23.74 23.86
C1 GOL R . 8.40 1.46 -0.03
O1 GOL R . 9.48 2.18 -0.59
C2 GOL R . 8.92 0.10 0.42
O2 GOL R . 9.93 -0.19 -0.54
C3 GOL R . 9.50 0.05 1.85
O3 GOL R . 9.78 -1.39 2.21
CL CL S . 6.80 -10.66 6.54
#